data_3O98
#
_entry.id   3O98
#
_cell.length_a   60.38
_cell.length_b   76.20
_cell.length_c   84.22
_cell.angle_alpha   70.81
_cell.angle_beta   74.37
_cell.angle_gamma   78.64
#
_symmetry.space_group_name_H-M   'P 1'
#
loop_
_entity.id
_entity.type
_entity.pdbx_description
1 polymer 'Bifunctional glutathionylspermidine synthetase/amidase'
2 non-polymer GLUTATHIONYLSPERMIDINE
3 non-polymer "ADENOSINE-5'-DIPHOSPHATE"
4 non-polymer 'MAGNESIUM ION'
5 water water
#
_entity_poly.entity_id   1
_entity_poly.type   'polypeptide(L)'
_entity_poly.pdbx_seq_one_letter_code
;MSKGTTSQDAPFGTLLGYAPGGVAIYSSDYSSLDPQEYEDDAVFRSYIDDEYMGHKWQAVEFARRFLFLNYGVVFTDVGM
AWEIFSLRFLREVVNDNILPLQAFPNGSPRAPVAGALLIWDKGGEFKDTGHVAIITQLHGNKVRIAEQNVIHSPLPQGQQ
WTRELEMVVENGCYTLKDTFDDTTILGWMIQTEDTEYSLPQPEIAGELLKISGARLENKGQFDGKWLDEKDPLQNAYVQA
NGQVINQDPYHYYTITESAEQELIKATNELHLMYLHATDKVLKDDNLLALFDIPKILWPRLRLSWQRRRHHMITGRMDFC
MDERGLKVYEYNADSASCHTEAGLILERWAEQGYKGNGFNPAEGLINELAGAWKHSRARPFVHIMQDKDIEENYHAQFME
QALHQAGFETRILRGLDELGWDAAGQLIDGEGRLVNCVWKTWAWETAFDQIREVSDREFAAVPIRTGHPQNEVRLIDVLL
RPEVLVFEPLWTVIPGNKAILPILWSLFPHHRYLLDTDFTVNDELVKTGYAVKPIAGRCGSNIDLVSHHEEVLDKTSGKF
AEQKNIYQQLWCLPKVDGKYIQVCTFTVGGNYGGTCLRGDESLVIKKESDIEPLIVVKK
;
_entity_poly.pdbx_strand_id   A,B
#
# COMPACT_ATOMS: atom_id res chain seq x y z
N ALA A 10 8.75 2.89 37.39
CA ALA A 10 8.97 3.99 36.40
C ALA A 10 7.65 4.57 35.89
N PRO A 11 7.55 5.91 35.79
CA PRO A 11 6.34 6.58 35.33
C PRO A 11 5.82 6.04 33.97
N PHE A 12 4.58 6.40 33.65
CA PHE A 12 3.96 5.94 32.42
C PHE A 12 4.79 6.19 31.19
N GLY A 13 4.73 5.25 30.25
CA GLY A 13 5.45 5.38 28.99
C GLY A 13 6.95 5.53 29.04
N THR A 14 7.59 4.89 30.02
CA THR A 14 9.04 4.96 30.15
C THR A 14 9.64 3.70 29.53
N LEU A 15 10.60 3.87 28.64
CA LEU A 15 11.23 2.74 27.99
C LEU A 15 12.02 1.94 29.03
N LEU A 16 11.62 0.69 29.23
CA LEU A 16 12.27 -0.19 30.20
C LEU A 16 13.31 -1.07 29.52
N GLY A 17 13.07 -1.39 28.24
CA GLY A 17 13.98 -2.24 27.50
C GLY A 17 13.36 -2.71 26.19
N TYR A 18 14.01 -3.67 25.56
CA TYR A 18 13.53 -4.20 24.30
C TYR A 18 13.49 -5.74 24.30
N ALA A 19 12.68 -6.30 23.40
CA ALA A 19 12.55 -7.74 23.23
C ALA A 19 13.29 -8.07 21.94
N PRO A 20 13.54 -9.36 21.70
CA PRO A 20 14.25 -9.77 20.47
C PRO A 20 13.73 -9.07 19.22
N GLY A 21 14.66 -8.60 18.40
CA GLY A 21 14.32 -7.89 17.19
C GLY A 21 14.24 -6.39 17.40
N GLY A 22 14.41 -5.95 18.64
CA GLY A 22 14.35 -4.54 18.94
C GLY A 22 12.93 -4.02 19.16
N VAL A 23 12.10 -4.79 19.84
CA VAL A 23 10.72 -4.38 20.11
C VAL A 23 10.65 -3.81 21.52
N ALA A 24 10.43 -2.50 21.61
CA ALA A 24 10.39 -1.81 22.89
C ALA A 24 9.34 -2.29 23.87
N ILE A 25 9.61 -2.08 25.16
CA ILE A 25 8.71 -2.45 26.25
C ILE A 25 8.58 -1.25 27.16
N TYR A 26 7.37 -0.66 27.22
CA TYR A 26 7.15 0.52 28.03
C TYR A 26 6.45 0.26 29.34
N SER A 27 6.58 1.21 30.26
CA SER A 27 5.96 1.12 31.57
C SER A 27 4.53 1.63 31.44
N SER A 28 3.56 0.72 31.61
CA SER A 28 2.16 1.13 31.50
C SER A 28 1.61 1.45 32.89
N ASP A 29 2.39 2.21 33.64
CA ASP A 29 1.98 2.62 34.98
C ASP A 29 1.10 3.88 34.87
N TYR A 30 -0.20 3.68 35.05
CA TYR A 30 -1.17 4.77 34.94
C TYR A 30 -1.13 5.67 36.18
N SER A 31 -0.80 5.09 37.32
CA SER A 31 -0.75 5.82 38.58
C SER A 31 -0.04 7.15 38.47
N SER A 32 0.82 7.30 37.46
CA SER A 32 1.56 8.54 37.26
C SER A 32 0.77 9.43 36.31
N ASP A 41 -7.84 11.44 25.43
CA ASP A 41 -8.23 10.00 25.55
C ASP A 41 -7.72 9.18 24.36
N ALA A 42 -7.55 9.83 23.21
CA ALA A 42 -7.09 9.17 22.00
C ALA A 42 -5.59 8.85 22.10
N VAL A 43 -4.88 9.69 22.84
CA VAL A 43 -3.44 9.55 23.02
C VAL A 43 -3.00 8.13 23.40
N PHE A 44 -3.95 7.32 23.86
CA PHE A 44 -3.61 5.97 24.27
C PHE A 44 -3.53 4.91 23.18
N ARG A 45 -4.02 5.23 21.99
CA ARG A 45 -3.95 4.27 20.90
C ARG A 45 -2.52 4.16 20.41
N SER A 46 -2.03 2.94 20.29
CA SER A 46 -0.67 2.71 19.80
C SER A 46 -0.73 2.20 18.37
N TYR A 47 -0.09 2.92 17.47
CA TYR A 47 -0.05 2.52 16.08
C TYR A 47 1.36 2.39 15.55
N ILE A 48 1.46 1.77 14.38
CA ILE A 48 2.71 1.61 13.66
C ILE A 48 2.16 1.90 12.28
N ASP A 49 2.25 3.16 11.86
CA ASP A 49 1.72 3.60 10.59
C ASP A 49 0.20 3.76 10.75
N ASP A 50 -0.56 3.04 9.94
CA ASP A 50 -2.02 3.13 9.99
C ASP A 50 -2.58 1.93 10.73
N GLU A 51 -1.73 0.92 10.93
CA GLU A 51 -2.14 -0.31 11.61
C GLU A 51 -2.16 -0.16 13.13
N TYR A 52 -3.28 -0.56 13.72
CA TYR A 52 -3.50 -0.52 15.15
C TYR A 52 -2.70 -1.60 15.93
N MET A 53 -2.02 -1.18 17.00
CA MET A 53 -1.23 -2.10 17.81
C MET A 53 -1.89 -2.48 19.16
N GLY A 54 -2.64 -1.57 19.75
CA GLY A 54 -3.29 -1.87 21.01
C GLY A 54 -3.47 -0.65 21.90
N HIS A 55 -3.70 -0.91 23.17
CA HIS A 55 -3.90 0.17 24.15
C HIS A 55 -2.63 0.34 24.97
N LYS A 56 -2.15 1.56 25.05
CA LYS A 56 -0.92 1.84 25.81
C LYS A 56 -1.15 1.73 27.32
N TRP A 57 -0.39 0.86 27.99
CA TRP A 57 0.58 -0.02 27.35
C TRP A 57 0.33 -1.42 27.89
N GLN A 58 -0.83 -1.96 27.56
CA GLN A 58 -1.23 -3.28 28.00
C GLN A 58 -0.42 -4.42 27.37
N ALA A 59 -0.59 -5.61 27.91
CA ALA A 59 0.10 -6.81 27.39
C ALA A 59 -0.24 -7.06 25.93
N VAL A 60 -1.54 -6.97 25.62
CA VAL A 60 -2.00 -7.21 24.26
C VAL A 60 -1.25 -6.33 23.27
N GLU A 61 -1.01 -5.09 23.67
CA GLU A 61 -0.30 -4.13 22.83
C GLU A 61 1.11 -4.64 22.45
N PHE A 62 1.90 -5.01 23.43
CA PHE A 62 3.24 -5.50 23.16
C PHE A 62 3.18 -6.76 22.30
N ALA A 63 2.38 -7.72 22.74
CA ALA A 63 2.24 -8.97 22.02
C ALA A 63 1.94 -8.75 20.55
N ARG A 64 1.05 -7.80 20.26
CA ARG A 64 0.66 -7.53 18.89
C ARG A 64 1.73 -6.80 18.13
N ARG A 65 2.37 -5.84 18.79
CA ARG A 65 3.42 -5.04 18.16
C ARG A 65 4.60 -5.94 17.84
N PHE A 66 4.86 -6.90 18.71
CA PHE A 66 5.96 -7.82 18.49
C PHE A 66 5.71 -8.63 17.22
N LEU A 67 4.52 -9.23 17.13
CA LEU A 67 4.17 -10.02 15.97
C LEU A 67 4.16 -9.19 14.67
N PHE A 68 3.79 -7.91 14.77
CA PHE A 68 3.74 -7.10 13.58
C PHE A 68 5.12 -6.64 13.12
N LEU A 69 5.98 -6.31 14.08
CA LEU A 69 7.32 -5.85 13.75
C LEU A 69 8.23 -6.98 13.29
N ASN A 70 8.11 -8.14 13.92
CA ASN A 70 8.95 -9.26 13.59
C ASN A 70 8.45 -10.17 12.49
N TYR A 71 7.14 -10.36 12.40
CA TYR A 71 6.59 -11.25 11.37
C TYR A 71 5.60 -10.62 10.41
N GLY A 72 5.31 -9.33 10.60
CA GLY A 72 4.37 -8.64 9.74
C GLY A 72 2.97 -9.23 9.80
N VAL A 73 2.58 -9.72 10.96
CA VAL A 73 1.25 -10.30 11.17
C VAL A 73 0.62 -9.69 12.42
N VAL A 74 -0.68 -9.85 12.57
CA VAL A 74 -1.37 -9.29 13.71
C VAL A 74 -2.60 -10.13 14.06
N PHE A 75 -3.13 -9.93 15.27
CA PHE A 75 -4.32 -10.66 15.69
C PHE A 75 -5.48 -9.70 15.98
N THR A 76 -6.69 -10.11 15.61
CA THR A 76 -7.91 -9.33 15.78
C THR A 76 -8.11 -8.66 17.14
N ASP A 77 -8.90 -7.61 17.15
CA ASP A 77 -9.20 -6.88 18.37
C ASP A 77 -9.93 -7.79 19.34
N VAL A 78 -9.52 -7.77 20.61
CA VAL A 78 -10.15 -8.61 21.64
C VAL A 78 -10.39 -7.85 22.93
N GLY A 79 -11.47 -8.17 23.63
CA GLY A 79 -11.75 -7.48 24.87
C GLY A 79 -10.62 -7.64 25.88
N MET A 80 -10.37 -8.88 26.29
CA MET A 80 -9.32 -9.12 27.26
C MET A 80 -8.23 -10.00 26.63
N ALA A 81 -7.12 -10.23 27.36
CA ALA A 81 -5.99 -11.00 26.83
C ALA A 81 -6.26 -12.50 26.74
N TRP A 82 -6.96 -13.04 27.74
CA TRP A 82 -7.28 -14.46 27.75
C TRP A 82 -8.10 -14.85 26.51
N GLU A 83 -8.73 -13.85 25.90
CA GLU A 83 -9.55 -14.08 24.72
C GLU A 83 -8.71 -14.47 23.51
N ILE A 84 -7.42 -14.13 23.54
CA ILE A 84 -6.51 -14.48 22.42
C ILE A 84 -6.48 -15.99 22.18
N PHE A 85 -6.36 -16.73 23.27
CA PHE A 85 -6.32 -18.19 23.22
C PHE A 85 -7.47 -18.81 22.39
N SER A 86 -8.54 -18.05 22.24
CA SER A 86 -9.72 -18.53 21.51
C SER A 86 -9.69 -18.24 20.03
N LEU A 87 -8.65 -17.56 19.57
CA LEU A 87 -8.54 -17.23 18.15
C LEU A 87 -7.94 -18.36 17.35
N ARG A 88 -8.17 -18.36 16.04
CA ARG A 88 -7.64 -19.43 15.19
C ARG A 88 -7.04 -18.89 13.89
N PHE A 89 -6.76 -17.60 13.85
CA PHE A 89 -6.18 -17.02 12.64
C PHE A 89 -5.24 -15.88 12.96
N LEU A 90 -4.62 -15.34 11.93
CA LEU A 90 -3.70 -14.23 12.03
C LEU A 90 -3.71 -13.53 10.68
N ARG A 91 -3.58 -12.21 10.70
CA ARG A 91 -3.59 -11.45 9.44
C ARG A 91 -2.22 -10.90 9.10
N GLU A 92 -1.76 -11.22 7.90
CA GLU A 92 -0.49 -10.76 7.39
C GLU A 92 -0.79 -9.45 6.67
N VAL A 93 -0.43 -8.35 7.30
CA VAL A 93 -0.70 -7.02 6.78
C VAL A 93 -0.44 -6.80 5.28
N VAL A 94 0.83 -6.79 4.89
CA VAL A 94 1.23 -6.53 3.49
C VAL A 94 0.39 -7.15 2.38
N ASN A 95 -0.39 -8.18 2.69
CA ASN A 95 -1.23 -8.80 1.66
C ASN A 95 -2.65 -9.10 2.11
N ASP A 96 -3.02 -8.63 3.29
CA ASP A 96 -4.36 -8.86 3.84
C ASP A 96 -4.75 -10.34 3.70
N ASN A 97 -3.75 -11.21 3.71
CA ASN A 97 -3.96 -12.64 3.61
C ASN A 97 -4.12 -13.23 5.02
N ILE A 98 -4.97 -14.24 5.16
CA ILE A 98 -5.23 -14.86 6.47
C ILE A 98 -4.44 -16.15 6.74
N LEU A 99 -3.76 -16.18 7.88
CA LEU A 99 -2.96 -17.33 8.27
C LEU A 99 -3.57 -18.10 9.42
N PRO A 100 -3.47 -19.45 9.38
CA PRO A 100 -4.00 -20.33 10.43
C PRO A 100 -3.17 -20.31 11.72
N LEU A 101 -3.85 -20.31 12.86
CA LEU A 101 -3.17 -20.29 14.16
C LEU A 101 -3.67 -21.43 15.03
N GLN A 102 -2.75 -22.20 15.60
CA GLN A 102 -3.15 -23.33 16.45
C GLN A 102 -2.96 -23.04 17.93
N ALA A 103 -3.83 -23.59 18.76
CA ALA A 103 -3.76 -23.38 20.21
C ALA A 103 -3.48 -24.70 20.92
N PHE A 104 -2.53 -24.67 21.84
CA PHE A 104 -2.18 -25.86 22.61
C PHE A 104 -2.28 -25.61 24.12
N PRO A 105 -2.70 -26.62 24.88
CA PRO A 105 -2.85 -26.49 26.33
C PRO A 105 -1.51 -26.59 27.04
N ASN A 106 -1.42 -25.99 28.22
CA ASN A 106 -0.20 -26.04 29.02
C ASN A 106 -0.01 -27.46 29.48
N GLY A 107 0.84 -28.19 28.78
CA GLY A 107 1.10 -29.57 29.13
C GLY A 107 0.95 -30.45 27.90
N SER A 108 0.97 -29.82 26.73
CA SER A 108 0.85 -30.51 25.46
C SER A 108 2.18 -31.03 24.91
N PRO A 109 2.14 -32.13 24.15
CA PRO A 109 3.34 -32.71 23.56
C PRO A 109 4.03 -31.70 22.67
N ARG A 110 3.26 -30.79 22.08
CA ARG A 110 3.80 -29.75 21.20
C ARG A 110 4.60 -28.76 22.02
N ALA A 111 5.92 -28.84 21.90
CA ALA A 111 6.81 -27.94 22.63
C ALA A 111 6.57 -26.49 22.28
N PRO A 112 6.67 -25.60 23.28
CA PRO A 112 6.48 -24.16 23.08
C PRO A 112 7.68 -23.46 22.45
N VAL A 113 7.77 -23.52 21.12
CA VAL A 113 8.86 -22.89 20.39
C VAL A 113 8.92 -21.39 20.66
N ALA A 114 10.03 -20.75 20.30
CA ALA A 114 10.19 -19.31 20.50
C ALA A 114 9.31 -18.53 19.54
N GLY A 115 8.96 -17.31 19.93
CA GLY A 115 8.12 -16.47 19.08
C GLY A 115 6.64 -16.77 19.23
N ALA A 116 6.29 -17.75 20.05
CA ALA A 116 4.90 -18.14 20.25
C ALA A 116 4.19 -17.31 21.33
N LEU A 117 2.87 -17.19 21.19
CA LEU A 117 2.07 -16.44 22.14
C LEU A 117 1.80 -17.33 23.34
N LEU A 118 1.88 -16.75 24.53
CA LEU A 118 1.62 -17.47 25.77
C LEU A 118 0.43 -16.80 26.46
N ILE A 119 -0.72 -17.48 26.46
CA ILE A 119 -1.93 -16.89 27.05
C ILE A 119 -2.29 -17.37 28.45
N TRP A 120 -2.54 -16.40 29.34
CA TRP A 120 -2.93 -16.66 30.72
C TRP A 120 -4.42 -16.43 30.79
N ASP A 121 -5.14 -17.37 31.39
CA ASP A 121 -6.58 -17.21 31.53
C ASP A 121 -6.76 -16.24 32.70
N LYS A 122 -7.84 -15.47 32.70
CA LYS A 122 -8.08 -14.52 33.77
C LYS A 122 -8.13 -15.28 35.08
N GLY A 123 -7.62 -14.68 36.15
CA GLY A 123 -7.61 -15.32 37.45
C GLY A 123 -6.42 -14.88 38.26
N GLY A 124 -6.45 -15.15 39.56
CA GLY A 124 -5.35 -14.76 40.44
C GLY A 124 -4.75 -13.40 40.13
N GLU A 125 -3.43 -13.35 40.05
CA GLU A 125 -2.71 -12.12 39.76
C GLU A 125 -3.27 -11.39 38.54
N PHE A 126 -3.69 -12.18 37.55
CA PHE A 126 -4.28 -11.65 36.31
C PHE A 126 -5.82 -11.79 36.39
N LYS A 127 -6.38 -11.19 37.44
CA LYS A 127 -7.81 -11.25 37.68
C LYS A 127 -8.75 -11.28 36.49
N ASP A 128 -9.29 -10.13 36.11
CA ASP A 128 -10.26 -10.08 35.02
C ASP A 128 -9.70 -9.98 33.59
N THR A 129 -8.49 -9.44 33.46
CA THR A 129 -7.87 -9.26 32.17
C THR A 129 -7.20 -10.47 31.56
N GLY A 130 -6.68 -11.34 32.40
CA GLY A 130 -5.97 -12.52 31.89
C GLY A 130 -4.60 -11.99 31.56
N HIS A 131 -3.92 -12.54 30.55
CA HIS A 131 -2.60 -12.04 30.19
C HIS A 131 -1.97 -12.73 29.00
N VAL A 132 -0.99 -12.06 28.38
CA VAL A 132 -0.31 -12.61 27.23
C VAL A 132 1.14 -12.10 27.14
N ALA A 133 2.06 -13.00 26.82
CA ALA A 133 3.47 -12.66 26.67
C ALA A 133 4.07 -13.38 25.47
N ILE A 134 5.34 -13.12 25.19
CA ILE A 134 6.03 -13.74 24.06
C ILE A 134 7.20 -14.61 24.52
N ILE A 135 7.22 -15.85 24.05
CA ILE A 135 8.29 -16.77 24.38
C ILE A 135 9.51 -16.43 23.53
N THR A 136 10.52 -15.82 24.15
CA THR A 136 11.73 -15.43 23.42
C THR A 136 12.69 -16.60 23.19
N GLN A 137 13.12 -17.25 24.26
CA GLN A 137 14.05 -18.38 24.12
C GLN A 137 13.62 -19.59 24.95
N LEU A 138 13.76 -20.75 24.34
CA LEU A 138 13.38 -22.01 24.97
C LEU A 138 14.62 -22.82 25.35
N HIS A 139 14.74 -23.16 26.64
CA HIS A 139 15.88 -23.95 27.14
C HIS A 139 15.51 -25.43 27.25
N GLY A 140 15.97 -26.08 28.32
CA GLY A 140 15.67 -27.48 28.51
C GLY A 140 14.94 -27.70 29.81
N ASN A 141 15.02 -26.70 30.69
CA ASN A 141 14.37 -26.78 32.00
C ASN A 141 13.53 -25.53 32.26
N LYS A 142 13.60 -24.57 31.33
CA LYS A 142 12.85 -23.33 31.48
C LYS A 142 12.78 -22.56 30.17
N VAL A 143 11.97 -21.51 30.17
CA VAL A 143 11.80 -20.66 29.00
C VAL A 143 11.84 -19.21 29.48
N ARG A 144 12.13 -18.29 28.56
CA ARG A 144 12.17 -16.89 28.90
C ARG A 144 11.10 -16.18 28.09
N ILE A 145 10.47 -15.17 28.68
CA ILE A 145 9.41 -14.44 28.01
C ILE A 145 9.54 -12.93 28.07
N ALA A 146 8.82 -12.25 27.18
CA ALA A 146 8.84 -10.81 27.14
C ALA A 146 7.39 -10.32 27.17
N GLU A 147 7.02 -9.64 28.26
CA GLU A 147 5.67 -9.14 28.44
C GLU A 147 5.73 -7.64 28.66
N GLN A 148 4.58 -6.98 28.83
CA GLN A 148 4.59 -5.54 29.01
C GLN A 148 3.85 -4.93 30.18
N ASN A 149 2.66 -5.43 30.51
CA ASN A 149 1.93 -4.83 31.62
C ASN A 149 1.99 -5.60 32.93
N VAL A 150 3.15 -6.21 33.23
CA VAL A 150 3.32 -6.98 34.45
C VAL A 150 4.32 -6.24 35.35
N ILE A 151 5.34 -5.68 34.72
CA ILE A 151 6.38 -4.93 35.43
C ILE A 151 6.17 -3.45 35.14
N HIS A 152 7.07 -2.61 35.64
CA HIS A 152 6.99 -1.18 35.41
C HIS A 152 8.32 -0.53 35.77
N SER A 153 9.34 -1.38 35.92
CA SER A 153 10.68 -0.94 36.25
C SER A 153 11.65 -1.39 35.16
N PRO A 154 12.73 -0.61 34.94
CA PRO A 154 13.73 -0.93 33.91
C PRO A 154 14.18 -2.38 33.95
N LEU A 155 14.59 -2.89 32.80
CA LEU A 155 15.05 -4.25 32.71
C LEU A 155 16.57 -4.20 32.77
N PRO A 156 17.21 -5.32 33.15
CA PRO A 156 18.68 -5.33 33.21
C PRO A 156 19.24 -4.84 31.87
N GLN A 157 20.38 -4.14 31.91
CA GLN A 157 21.00 -3.61 30.68
C GLN A 157 21.09 -4.65 29.56
N GLY A 158 20.34 -4.43 28.48
CA GLY A 158 20.35 -5.32 27.35
C GLY A 158 19.65 -6.66 27.51
N GLN A 159 18.89 -6.84 28.58
CA GLN A 159 18.19 -8.10 28.77
C GLN A 159 16.92 -8.07 27.91
N GLN A 160 16.83 -9.00 26.96
CA GLN A 160 15.67 -9.05 26.06
C GLN A 160 14.60 -10.05 26.48
N TRP A 161 14.32 -10.09 27.78
CA TRP A 161 13.30 -10.94 28.36
C TRP A 161 12.97 -10.45 29.77
N THR A 162 11.71 -10.57 30.16
CA THR A 162 11.26 -10.11 31.47
C THR A 162 11.34 -11.18 32.56
N ARG A 163 10.84 -12.38 32.26
CA ARG A 163 10.86 -13.47 33.22
C ARG A 163 11.31 -14.79 32.63
N GLU A 164 11.67 -15.72 33.51
CA GLU A 164 12.08 -17.06 33.11
C GLU A 164 11.08 -17.99 33.77
N LEU A 165 10.45 -18.88 32.99
CA LEU A 165 9.49 -19.79 33.58
C LEU A 165 10.00 -21.22 33.57
N GLU A 166 9.72 -21.93 34.66
CA GLU A 166 10.17 -23.30 34.81
C GLU A 166 9.39 -24.27 33.94
N MET A 167 10.08 -24.91 33.00
CA MET A 167 9.44 -25.87 32.12
C MET A 167 9.82 -27.28 32.53
N VAL A 168 8.82 -28.13 32.72
CA VAL A 168 9.04 -29.52 33.10
C VAL A 168 8.71 -30.42 31.92
N VAL A 169 9.62 -31.32 31.58
CA VAL A 169 9.40 -32.22 30.45
C VAL A 169 9.34 -33.69 30.84
N GLU A 170 8.12 -34.22 30.89
CA GLU A 170 7.89 -35.61 31.25
C GLU A 170 7.21 -36.35 30.12
N ASN A 171 7.85 -37.41 29.64
CA ASN A 171 7.34 -38.23 28.56
C ASN A 171 6.66 -37.47 27.43
N GLY A 172 7.48 -36.89 26.56
CA GLY A 172 6.97 -36.14 25.42
C GLY A 172 6.10 -34.92 25.67
N CYS A 173 5.63 -34.74 26.91
CA CYS A 173 4.79 -33.58 27.23
C CYS A 173 5.57 -32.44 27.87
N TYR A 174 5.24 -31.21 27.48
CA TYR A 174 5.89 -30.02 28.01
C TYR A 174 4.93 -29.22 28.88
N THR A 175 5.34 -28.90 30.11
CA THR A 175 4.50 -28.13 31.03
C THR A 175 5.23 -26.90 31.56
N LEU A 176 4.49 -25.88 31.99
CA LEU A 176 5.10 -24.66 32.50
C LEU A 176 4.46 -24.17 33.78
N LYS A 177 5.29 -23.77 34.74
CA LYS A 177 4.80 -23.26 36.01
C LYS A 177 5.04 -21.76 36.06
N ASP A 178 4.00 -21.00 36.38
CA ASP A 178 4.15 -19.56 36.45
C ASP A 178 4.87 -19.16 37.73
N THR A 179 5.26 -17.90 37.86
CA THR A 179 5.93 -17.45 39.06
C THR A 179 4.92 -17.05 40.12
N PHE A 180 3.66 -17.01 39.74
CA PHE A 180 2.60 -16.66 40.68
C PHE A 180 1.85 -17.95 41.05
N ASP A 181 1.32 -18.01 42.28
CA ASP A 181 0.62 -19.19 42.76
C ASP A 181 -0.87 -19.24 42.46
N ASP A 182 -1.45 -18.13 42.02
CA ASP A 182 -2.88 -18.08 41.74
C ASP A 182 -3.21 -17.83 40.27
N THR A 183 -2.26 -18.07 39.38
CA THR A 183 -2.51 -17.84 37.97
C THR A 183 -2.75 -19.12 37.18
N THR A 184 -3.43 -18.97 36.05
CA THR A 184 -3.75 -20.10 35.19
C THR A 184 -3.20 -19.89 33.78
N ILE A 185 -2.30 -20.78 33.37
CA ILE A 185 -1.69 -20.68 32.04
C ILE A 185 -2.44 -21.58 31.05
N LEU A 186 -3.12 -20.97 30.09
CA LEU A 186 -3.88 -21.72 29.10
C LEU A 186 -2.95 -22.51 28.18
N GLY A 187 -1.94 -21.84 27.63
CA GLY A 187 -1.02 -22.50 26.74
C GLY A 187 -0.38 -21.52 25.75
N TRP A 188 0.25 -22.07 24.71
CA TRP A 188 0.89 -21.24 23.69
C TRP A 188 0.21 -21.38 22.34
N MET A 189 0.53 -20.44 21.44
CA MET A 189 -0.06 -20.43 20.12
C MET A 189 0.98 -20.30 19.03
N ILE A 190 0.91 -21.19 18.05
CA ILE A 190 1.84 -21.19 16.92
C ILE A 190 1.10 -21.05 15.59
N GLN A 191 1.68 -20.28 14.68
CA GLN A 191 1.07 -20.09 13.37
C GLN A 191 1.57 -21.21 12.48
N THR A 192 0.86 -22.34 12.51
CA THR A 192 1.25 -23.50 11.72
C THR A 192 0.06 -24.24 11.12
N GLU A 193 0.27 -24.92 10.01
CA GLU A 193 -0.78 -25.67 9.35
C GLU A 193 -0.91 -27.01 10.05
N ASP A 194 0.12 -27.37 10.80
CA ASP A 194 0.14 -28.63 11.56
C ASP A 194 -0.89 -28.53 12.69
N THR A 195 -1.91 -29.39 12.65
CA THR A 195 -2.97 -29.37 13.66
C THR A 195 -2.91 -30.50 14.68
N GLU A 196 -1.76 -31.15 14.79
CA GLU A 196 -1.61 -32.23 15.74
C GLU A 196 -1.41 -31.66 17.14
N TYR A 197 -1.94 -32.35 18.15
CA TYR A 197 -1.82 -31.92 19.55
C TYR A 197 -2.66 -30.68 19.87
N SER A 198 -3.05 -29.95 18.83
CA SER A 198 -3.83 -28.72 18.99
C SER A 198 -5.25 -28.89 19.52
N LEU A 199 -5.83 -27.77 19.94
CA LEU A 199 -7.19 -27.71 20.50
C LEU A 199 -8.20 -27.25 19.45
N PRO A 200 -9.31 -27.99 19.29
CA PRO A 200 -10.30 -27.57 18.31
C PRO A 200 -10.90 -26.24 18.81
N GLN A 201 -11.21 -25.35 17.87
CA GLN A 201 -11.77 -24.04 18.23
C GLN A 201 -13.01 -24.18 19.09
N PRO A 202 -12.97 -23.62 20.30
CA PRO A 202 -14.11 -23.67 21.24
C PRO A 202 -15.39 -23.13 20.66
N GLU A 203 -16.49 -23.79 21.03
CA GLU A 203 -17.83 -23.43 20.59
C GLU A 203 -18.68 -23.17 21.82
N ILE A 204 -19.73 -22.37 21.66
CA ILE A 204 -20.62 -22.02 22.78
C ILE A 204 -21.95 -22.79 22.80
N ALA A 205 -22.31 -23.30 23.97
CA ALA A 205 -23.54 -24.03 24.15
C ALA A 205 -24.73 -23.21 23.68
N GLY A 206 -25.43 -23.70 22.67
CA GLY A 206 -26.57 -22.98 22.12
C GLY A 206 -27.55 -22.41 23.13
N GLU A 207 -27.63 -23.03 24.30
CA GLU A 207 -28.55 -22.56 25.35
C GLU A 207 -28.27 -21.15 25.80
N LEU A 208 -27.02 -20.72 25.68
CA LEU A 208 -26.66 -19.37 26.09
C LEU A 208 -26.95 -18.38 24.98
N LEU A 209 -27.16 -18.89 23.77
CA LEU A 209 -27.46 -18.07 22.61
C LEU A 209 -28.95 -17.81 22.41
N LYS A 210 -29.78 -18.36 23.29
CA LYS A 210 -31.24 -18.19 23.16
C LYS A 210 -31.59 -16.75 23.51
N ILE A 211 -32.64 -16.24 22.87
CA ILE A 211 -33.08 -14.88 23.14
C ILE A 211 -34.31 -14.92 24.02
N SER A 212 -34.18 -14.46 25.26
CA SER A 212 -35.30 -14.47 26.20
C SER A 212 -36.18 -13.22 26.10
N GLY A 213 -37.45 -13.38 26.51
CA GLY A 213 -38.39 -12.28 26.48
C GLY A 213 -38.71 -11.86 27.91
N ALA A 214 -39.00 -10.57 28.10
CA ALA A 214 -39.30 -10.05 29.44
C ALA A 214 -40.29 -8.89 29.39
N ARG A 215 -40.64 -8.39 30.56
CA ARG A 215 -41.58 -7.27 30.68
C ARG A 215 -41.30 -6.35 31.86
N LEU A 216 -41.57 -5.07 31.68
CA LEU A 216 -41.35 -4.09 32.72
C LEU A 216 -42.62 -3.96 33.54
N GLU A 217 -42.52 -3.26 34.66
CA GLU A 217 -43.66 -3.01 35.54
C GLU A 217 -44.40 -1.80 34.96
N ASN A 218 -45.62 -2.02 34.49
CA ASN A 218 -46.39 -0.95 33.89
C ASN A 218 -46.77 0.13 34.89
N LYS A 219 -45.76 0.83 35.41
CA LYS A 219 -45.98 1.91 36.36
C LYS A 219 -46.35 3.13 35.51
N GLY A 220 -46.67 2.85 34.25
CA GLY A 220 -47.03 3.89 33.30
C GLY A 220 -45.89 4.83 32.96
N GLN A 221 -44.73 4.27 32.61
CA GLN A 221 -43.56 5.11 32.31
C GLN A 221 -43.50 5.59 30.87
N PHE A 222 -44.22 4.95 29.97
CA PHE A 222 -44.20 5.32 28.56
C PHE A 222 -45.55 5.72 28.00
N ASP A 223 -46.39 6.35 28.82
CA ASP A 223 -47.72 6.74 28.35
C ASP A 223 -47.82 8.12 27.71
N GLY A 224 -46.72 8.90 27.78
CA GLY A 224 -46.76 10.24 27.22
C GLY A 224 -45.50 10.73 26.53
N LYS A 225 -45.06 11.93 26.92
CA LYS A 225 -43.87 12.53 26.32
C LYS A 225 -42.59 12.13 27.05
N TRP A 226 -42.14 10.91 26.85
CA TRP A 226 -40.91 10.46 27.50
C TRP A 226 -39.68 10.84 26.68
N LEU A 227 -39.90 11.40 25.49
CA LEU A 227 -38.80 11.83 24.64
C LEU A 227 -38.65 13.35 24.75
N ASP A 228 -37.55 13.75 25.40
CA ASP A 228 -37.20 15.15 25.66
C ASP A 228 -37.67 16.22 24.68
N GLU A 229 -37.63 15.91 23.40
CA GLU A 229 -38.10 16.84 22.37
C GLU A 229 -37.31 18.16 22.24
N LYS A 230 -36.74 18.64 23.34
CA LYS A 230 -35.93 19.86 23.23
C LYS A 230 -34.46 19.44 23.21
N ASP A 231 -34.25 18.31 22.56
CA ASP A 231 -32.95 17.70 22.34
C ASP A 231 -33.02 17.43 20.83
N PRO A 232 -32.61 18.41 20.01
CA PRO A 232 -32.64 18.32 18.56
C PRO A 232 -32.67 16.90 18.01
N LEU A 233 -31.85 16.01 18.56
CA LEU A 233 -31.82 14.61 18.10
C LEU A 233 -33.10 13.90 18.49
N GLN A 234 -33.37 13.80 19.78
CA GLN A 234 -34.56 13.12 20.26
C GLN A 234 -35.81 13.64 19.56
N ASN A 235 -35.91 14.95 19.42
CA ASN A 235 -37.03 15.57 18.76
C ASN A 235 -37.08 15.17 17.29
N ALA A 236 -35.91 15.21 16.66
CA ALA A 236 -35.81 14.83 15.25
C ALA A 236 -36.46 13.47 15.08
N TYR A 237 -36.10 12.53 15.95
CA TYR A 237 -36.65 11.18 15.90
C TYR A 237 -38.17 11.26 15.95
N VAL A 238 -38.68 12.02 16.92
CA VAL A 238 -40.11 12.17 17.12
C VAL A 238 -40.84 12.69 15.89
N GLN A 239 -40.25 13.65 15.18
CA GLN A 239 -40.86 14.21 13.98
C GLN A 239 -41.09 13.12 12.94
N ALA A 240 -40.41 12.00 13.05
CA ALA A 240 -40.60 10.95 12.09
C ALA A 240 -41.42 9.77 12.60
N ASN A 241 -41.47 9.58 13.92
CA ASN A 241 -42.23 8.45 14.48
C ASN A 241 -42.99 8.79 15.76
N GLY A 242 -43.07 10.07 16.09
CA GLY A 242 -43.78 10.47 17.29
C GLY A 242 -43.11 9.98 18.56
N GLN A 243 -43.89 9.41 19.47
CA GLN A 243 -43.35 8.92 20.74
C GLN A 243 -43.45 7.40 20.79
N VAL A 244 -43.17 6.76 19.67
CA VAL A 244 -43.23 5.31 19.60
C VAL A 244 -41.96 4.64 19.09
N ILE A 245 -41.57 3.53 19.72
CA ILE A 245 -40.39 2.80 19.29
C ILE A 245 -40.86 1.46 18.71
N ASN A 246 -41.97 0.96 19.24
CA ASN A 246 -42.60 -0.29 18.79
C ASN A 246 -44.01 -0.40 19.38
N GLN A 247 -44.64 -1.55 19.19
CA GLN A 247 -45.99 -1.74 19.70
C GLN A 247 -46.15 -1.69 21.21
N ASP A 248 -45.45 -2.56 21.93
CA ASP A 248 -45.53 -2.58 23.38
C ASP A 248 -44.22 -2.16 24.04
N PRO A 249 -44.10 -0.87 24.39
CA PRO A 249 -42.90 -0.30 25.02
C PRO A 249 -42.53 -0.94 26.37
N TYR A 250 -43.45 -1.69 26.95
CA TYR A 250 -43.20 -2.30 28.23
C TYR A 250 -42.64 -3.70 28.11
N HIS A 251 -42.27 -4.10 26.91
CA HIS A 251 -41.71 -5.44 26.71
C HIS A 251 -40.31 -5.37 26.09
N TYR A 252 -39.38 -6.14 26.65
CA TYR A 252 -38.02 -6.15 26.13
C TYR A 252 -37.48 -7.57 26.03
N TYR A 253 -36.30 -7.72 25.45
CA TYR A 253 -35.65 -9.01 25.30
C TYR A 253 -34.30 -9.00 25.99
N THR A 254 -33.75 -10.19 26.22
CA THR A 254 -32.45 -10.29 26.87
C THR A 254 -31.61 -11.40 26.24
N ILE A 255 -30.30 -11.29 26.46
CA ILE A 255 -29.31 -12.25 25.97
C ILE A 255 -28.20 -12.28 27.00
N THR A 256 -27.56 -13.43 27.16
CA THR A 256 -26.49 -13.56 28.15
C THR A 256 -25.22 -12.84 27.73
N GLU A 257 -24.38 -12.54 28.71
CA GLU A 257 -23.13 -11.87 28.43
C GLU A 257 -22.28 -12.81 27.63
N SER A 258 -22.58 -14.10 27.75
CA SER A 258 -21.86 -15.14 27.02
C SER A 258 -22.14 -14.95 25.55
N ALA A 259 -23.42 -14.71 25.25
CA ALA A 259 -23.86 -14.52 23.88
C ALA A 259 -23.32 -13.23 23.30
N GLU A 260 -23.30 -12.16 24.11
CA GLU A 260 -22.80 -10.91 23.59
C GLU A 260 -21.31 -11.04 23.25
N GLN A 261 -20.52 -11.56 24.18
CA GLN A 261 -19.11 -11.74 23.92
C GLN A 261 -18.97 -12.56 22.64
N GLU A 262 -19.86 -13.52 22.47
CA GLU A 262 -19.87 -14.35 21.28
C GLU A 262 -20.14 -13.47 20.08
N LEU A 263 -21.22 -12.70 20.14
CA LEU A 263 -21.57 -11.79 19.06
C LEU A 263 -20.40 -10.90 18.69
N ILE A 264 -19.65 -10.47 19.71
CA ILE A 264 -18.46 -9.62 19.49
C ILE A 264 -17.39 -10.40 18.75
N LYS A 265 -17.10 -11.60 19.22
CA LYS A 265 -16.09 -12.43 18.60
C LYS A 265 -16.46 -12.64 17.15
N ALA A 266 -17.73 -12.96 16.93
CA ALA A 266 -18.24 -13.22 15.59
C ALA A 266 -18.09 -12.01 14.68
N THR A 267 -18.34 -10.81 15.22
CA THR A 267 -18.22 -9.57 14.43
C THR A 267 -16.80 -9.33 13.97
N ASN A 268 -15.89 -9.19 14.91
CA ASN A 268 -14.49 -8.93 14.59
C ASN A 268 -13.90 -9.89 13.56
N GLU A 269 -14.27 -11.16 13.67
CA GLU A 269 -13.77 -12.19 12.77
C GLU A 269 -14.36 -12.03 11.37
N LEU A 270 -15.68 -12.01 11.28
CA LEU A 270 -16.34 -11.87 10.00
C LEU A 270 -15.90 -10.60 9.29
N HIS A 271 -15.55 -9.56 10.06
CA HIS A 271 -15.10 -8.33 9.44
C HIS A 271 -13.81 -8.61 8.67
N LEU A 272 -12.86 -9.29 9.31
CA LEU A 272 -11.60 -9.63 8.66
C LEU A 272 -11.86 -10.56 7.49
N MET A 273 -12.69 -11.56 7.73
CA MET A 273 -13.04 -12.53 6.69
C MET A 273 -13.62 -11.81 5.50
N TYR A 274 -14.45 -10.81 5.78
CA TYR A 274 -15.07 -10.05 4.70
C TYR A 274 -14.08 -9.23 3.88
N LEU A 275 -13.07 -8.65 4.52
CA LEU A 275 -12.09 -7.85 3.80
C LEU A 275 -11.12 -8.74 3.06
N HIS A 276 -10.93 -9.96 3.56
CA HIS A 276 -10.02 -10.89 2.92
C HIS A 276 -10.65 -11.26 1.59
N ALA A 277 -11.98 -11.35 1.56
CA ALA A 277 -12.68 -11.67 0.35
C ALA A 277 -12.69 -10.48 -0.58
N THR A 278 -12.73 -9.28 -0.01
CA THR A 278 -12.73 -8.07 -0.80
C THR A 278 -11.38 -7.93 -1.51
N ASP A 279 -10.30 -8.10 -0.74
CA ASP A 279 -8.94 -8.00 -1.29
C ASP A 279 -8.78 -8.98 -2.45
N LYS A 280 -9.43 -10.13 -2.32
CA LYS A 280 -9.37 -11.17 -3.34
C LYS A 280 -10.15 -10.74 -4.56
N VAL A 281 -11.40 -10.33 -4.34
CA VAL A 281 -12.25 -9.88 -5.42
C VAL A 281 -11.56 -8.84 -6.28
N LEU A 282 -10.92 -7.88 -5.64
CA LEU A 282 -10.24 -6.82 -6.37
C LEU A 282 -8.91 -7.22 -6.99
N LYS A 283 -8.58 -8.49 -6.90
CA LYS A 283 -7.32 -8.98 -7.48
C LYS A 283 -7.55 -9.95 -8.66
N ASP A 284 -8.82 -10.29 -8.89
CA ASP A 284 -9.18 -11.19 -9.97
C ASP A 284 -10.37 -10.67 -10.75
N ASP A 285 -10.13 -10.25 -11.98
CA ASP A 285 -11.19 -9.73 -12.84
C ASP A 285 -12.42 -10.62 -12.89
N ASN A 286 -12.21 -11.92 -13.09
CA ASN A 286 -13.31 -12.87 -13.18
C ASN A 286 -14.24 -12.79 -11.98
N LEU A 287 -13.70 -12.43 -10.82
CA LEU A 287 -14.51 -12.32 -9.62
C LEU A 287 -15.25 -10.99 -9.58
N LEU A 288 -14.50 -9.89 -9.63
CA LEU A 288 -15.09 -8.56 -9.62
C LEU A 288 -16.24 -8.43 -10.61
N ALA A 289 -16.15 -9.21 -11.69
CA ALA A 289 -17.14 -9.18 -12.75
C ALA A 289 -18.51 -9.68 -12.29
N LEU A 290 -18.56 -10.32 -11.13
CA LEU A 290 -19.81 -10.87 -10.60
C LEU A 290 -20.69 -9.84 -9.88
N PHE A 291 -20.17 -8.67 -9.58
CA PHE A 291 -20.94 -7.66 -8.86
C PHE A 291 -21.76 -6.68 -9.71
N ASP A 292 -21.52 -6.70 -11.02
CA ASP A 292 -22.23 -5.82 -11.94
C ASP A 292 -21.99 -4.35 -11.67
N ILE A 293 -20.75 -4.00 -11.35
CA ILE A 293 -20.39 -2.63 -11.09
C ILE A 293 -19.75 -2.12 -12.38
N PRO A 294 -20.36 -1.11 -13.03
CA PRO A 294 -19.82 -0.55 -14.28
C PRO A 294 -18.30 -0.63 -14.38
N LYS A 295 -17.80 -1.38 -15.35
CA LYS A 295 -16.35 -1.55 -15.53
C LYS A 295 -15.55 -0.28 -15.37
N ILE A 296 -16.07 0.81 -15.95
CA ILE A 296 -15.43 2.11 -15.89
C ILE A 296 -14.91 2.44 -14.48
N LEU A 297 -15.60 1.93 -13.45
CA LEU A 297 -15.24 2.18 -12.06
C LEU A 297 -14.15 1.32 -11.48
N TRP A 298 -14.06 0.08 -11.95
CA TRP A 298 -13.08 -0.90 -11.45
C TRP A 298 -11.74 -0.28 -11.03
N PRO A 299 -11.13 0.54 -11.89
CA PRO A 299 -9.86 1.14 -11.52
C PRO A 299 -10.01 1.95 -10.22
N ARG A 300 -11.12 2.69 -10.13
CA ARG A 300 -11.42 3.50 -8.96
C ARG A 300 -11.56 2.58 -7.76
N LEU A 301 -12.28 1.48 -7.94
CA LEU A 301 -12.46 0.53 -6.85
C LEU A 301 -11.10 0.10 -6.30
N ARG A 302 -10.21 -0.36 -7.19
CA ARG A 302 -8.90 -0.80 -6.78
C ARG A 302 -8.17 0.31 -6.05
N LEU A 303 -8.11 1.47 -6.68
CA LEU A 303 -7.43 2.60 -6.10
C LEU A 303 -7.96 2.91 -4.71
N SER A 304 -9.26 2.74 -4.53
CA SER A 304 -9.90 3.00 -3.23
C SER A 304 -9.45 2.01 -2.15
N TRP A 305 -9.46 0.73 -2.49
CA TRP A 305 -9.05 -0.32 -1.56
C TRP A 305 -7.65 -0.03 -1.07
N GLN A 306 -6.77 0.32 -1.99
CA GLN A 306 -5.38 0.60 -1.65
C GLN A 306 -5.19 1.80 -0.73
N ARG A 307 -5.74 2.94 -1.12
CA ARG A 307 -5.59 4.17 -0.34
C ARG A 307 -6.56 4.36 0.83
N ARG A 308 -7.77 3.83 0.74
CA ARG A 308 -8.76 4.00 1.80
C ARG A 308 -8.95 2.79 2.73
N ARG A 309 -8.10 1.79 2.58
CA ARG A 309 -8.18 0.57 3.37
C ARG A 309 -8.70 0.75 4.80
N HIS A 310 -8.17 1.74 5.50
CA HIS A 310 -8.55 1.99 6.89
C HIS A 310 -9.50 3.16 7.11
N HIS A 311 -10.28 3.52 6.10
CA HIS A 311 -11.18 4.65 6.24
C HIS A 311 -12.66 4.33 6.38
N MET A 312 -12.99 3.07 6.60
CA MET A 312 -14.40 2.70 6.79
C MET A 312 -14.80 3.14 8.20
N ILE A 313 -15.95 3.79 8.33
CA ILE A 313 -16.39 4.27 9.63
C ILE A 313 -17.30 3.31 10.35
N THR A 314 -18.40 2.92 9.70
CA THR A 314 -19.32 2.00 10.33
C THR A 314 -20.15 1.15 9.35
N GLY A 315 -20.39 -0.09 9.75
CA GLY A 315 -21.19 -1.02 8.97
C GLY A 315 -22.11 -1.79 9.91
N ARG A 316 -23.05 -2.55 9.35
CA ARG A 316 -23.97 -3.31 10.16
C ARG A 316 -24.09 -4.76 9.68
N MET A 317 -24.11 -5.71 10.63
CA MET A 317 -24.24 -7.12 10.31
C MET A 317 -25.61 -7.69 10.71
N ASP A 318 -26.18 -8.51 9.82
CA ASP A 318 -27.46 -9.15 10.10
C ASP A 318 -27.22 -10.61 10.52
N PHE A 319 -27.62 -10.93 11.76
CA PHE A 319 -27.42 -12.27 12.28
C PHE A 319 -28.68 -13.06 12.66
N CYS A 320 -28.56 -14.38 12.61
CA CYS A 320 -29.62 -15.25 13.02
C CYS A 320 -29.02 -15.99 14.20
N MET A 321 -29.46 -15.65 15.41
CA MET A 321 -28.92 -16.27 16.61
C MET A 321 -29.94 -17.01 17.43
N ASP A 322 -29.53 -18.18 17.93
CA ASP A 322 -30.40 -19.04 18.76
C ASP A 322 -29.63 -20.31 19.11
N GLU A 323 -30.31 -21.24 19.75
CA GLU A 323 -29.71 -22.50 20.15
C GLU A 323 -28.96 -23.11 18.98
N ARG A 324 -29.55 -23.04 17.78
CA ARG A 324 -28.96 -23.61 16.58
C ARG A 324 -27.53 -23.14 16.33
N GLY A 325 -27.21 -21.95 16.81
CA GLY A 325 -25.88 -21.38 16.64
C GLY A 325 -25.95 -19.93 16.16
N LEU A 326 -24.87 -19.43 15.59
CA LEU A 326 -24.84 -18.06 15.12
C LEU A 326 -24.48 -17.96 13.65
N LYS A 327 -25.44 -17.52 12.84
CA LYS A 327 -25.24 -17.36 11.40
C LYS A 327 -25.43 -15.89 11.04
N VAL A 328 -24.80 -15.47 9.94
CA VAL A 328 -24.91 -14.11 9.46
C VAL A 328 -25.52 -14.07 8.06
N TYR A 329 -26.53 -13.24 7.88
CA TYR A 329 -27.18 -13.13 6.59
C TYR A 329 -26.40 -12.21 5.66
N GLU A 330 -26.13 -10.99 6.12
CA GLU A 330 -25.41 -10.01 5.30
C GLU A 330 -24.60 -9.04 6.16
N TYR A 331 -23.70 -8.30 5.50
CA TYR A 331 -22.89 -7.28 6.14
C TYR A 331 -23.03 -5.94 5.42
N ASN A 332 -23.98 -5.15 5.87
CA ASN A 332 -24.24 -3.85 5.29
C ASN A 332 -23.08 -2.90 5.57
N ALA A 333 -21.98 -3.12 4.86
CA ALA A 333 -20.77 -2.31 5.00
C ALA A 333 -20.94 -0.91 4.44
N ASP A 334 -21.86 -0.73 3.51
CA ASP A 334 -22.10 0.58 2.92
C ASP A 334 -23.08 1.45 3.74
N SER A 335 -24.32 1.53 3.26
CA SER A 335 -25.38 2.32 3.91
C SER A 335 -25.96 1.65 5.13
N ALA A 336 -25.43 1.99 6.30
CA ALA A 336 -25.91 1.44 7.57
C ALA A 336 -27.29 2.01 7.88
N SER A 337 -27.72 1.91 9.14
CA SER A 337 -29.03 2.40 9.55
C SER A 337 -29.31 1.87 10.97
N CYS A 338 -30.36 2.39 11.59
CA CYS A 338 -30.76 2.00 12.95
C CYS A 338 -29.72 2.36 14.01
N HIS A 339 -28.76 3.23 13.64
CA HIS A 339 -27.73 3.66 14.58
C HIS A 339 -28.33 4.39 15.79
N THR A 340 -29.17 5.39 15.51
CA THR A 340 -29.82 6.14 16.58
C THR A 340 -30.61 5.23 17.49
N GLU A 341 -31.36 4.29 16.89
CA GLU A 341 -32.17 3.36 17.65
C GLU A 341 -31.39 2.82 18.84
N ALA A 342 -30.62 1.77 18.60
CA ALA A 342 -29.84 1.16 19.66
C ALA A 342 -28.95 2.21 20.31
N GLY A 343 -28.47 3.14 19.48
CA GLY A 343 -27.61 4.20 19.97
C GLY A 343 -28.20 5.12 21.03
N LEU A 344 -29.21 5.90 20.66
CA LEU A 344 -29.82 6.84 21.59
C LEU A 344 -31.17 6.46 22.20
N ILE A 345 -32.22 6.52 21.38
CA ILE A 345 -33.56 6.21 21.85
C ILE A 345 -33.63 5.11 22.91
N LEU A 346 -33.01 3.95 22.64
CA LEU A 346 -33.04 2.86 23.61
C LEU A 346 -32.37 3.24 24.93
N GLU A 347 -31.46 4.20 24.89
CA GLU A 347 -30.81 4.65 26.10
C GLU A 347 -31.78 5.52 26.87
N ARG A 348 -32.62 6.24 26.14
CA ARG A 348 -33.63 7.07 26.79
C ARG A 348 -34.71 6.15 27.29
N TRP A 349 -34.80 4.98 26.66
CA TRP A 349 -35.79 3.96 27.02
C TRP A 349 -35.41 3.37 28.37
N ALA A 350 -34.25 2.72 28.40
CA ALA A 350 -33.75 2.10 29.61
C ALA A 350 -33.74 3.11 30.74
N GLU A 351 -33.12 4.26 30.49
CA GLU A 351 -33.04 5.32 31.49
C GLU A 351 -34.44 5.59 32.01
N GLN A 352 -35.38 5.71 31.08
CA GLN A 352 -36.77 6.01 31.40
C GLN A 352 -37.52 4.87 32.06
N GLY A 353 -37.38 3.66 31.55
CA GLY A 353 -38.12 2.56 32.12
C GLY A 353 -37.42 1.31 32.60
N TYR A 354 -36.09 1.24 32.49
CA TYR A 354 -35.42 0.04 32.97
C TYR A 354 -34.93 0.21 34.39
N LYS A 355 -34.99 -0.88 35.14
CA LYS A 355 -34.58 -0.90 36.54
C LYS A 355 -33.43 -1.87 36.77
N GLY A 356 -33.53 -3.05 36.17
CA GLY A 356 -32.55 -4.12 36.30
C GLY A 356 -31.08 -3.77 36.23
N ASN A 357 -30.27 -4.81 36.37
CA ASN A 357 -28.82 -4.69 36.35
C ASN A 357 -28.28 -4.78 34.93
N GLY A 358 -29.04 -5.38 34.03
CA GLY A 358 -28.59 -5.52 32.64
C GLY A 358 -28.22 -4.19 32.00
N PHE A 359 -27.71 -4.23 30.78
CA PHE A 359 -27.32 -2.99 30.10
C PHE A 359 -27.63 -3.03 28.61
N ASN A 360 -27.68 -1.85 28.00
CA ASN A 360 -27.96 -1.71 26.56
C ASN A 360 -26.64 -1.92 25.83
N PRO A 361 -26.57 -2.94 24.96
CA PRO A 361 -25.36 -3.26 24.20
C PRO A 361 -24.95 -2.22 23.13
N ALA A 362 -25.64 -1.10 23.05
CA ALA A 362 -25.30 -0.09 22.07
C ALA A 362 -25.25 1.32 22.63
N GLU A 363 -24.96 1.43 23.93
CA GLU A 363 -24.93 2.72 24.59
C GLU A 363 -23.82 3.62 24.07
N GLY A 364 -22.58 3.26 24.39
CA GLY A 364 -21.44 4.07 23.97
C GLY A 364 -21.17 4.05 22.48
N LEU A 365 -22.24 4.02 21.67
CA LEU A 365 -22.11 3.98 20.22
C LEU A 365 -21.71 5.36 19.71
N ILE A 366 -22.23 6.39 20.35
CA ILE A 366 -21.92 7.75 19.94
C ILE A 366 -20.43 8.05 20.08
N ASN A 367 -19.83 7.49 21.13
CA ASN A 367 -18.41 7.70 21.39
C ASN A 367 -17.53 6.87 20.46
N GLU A 368 -17.97 5.65 20.18
CA GLU A 368 -17.22 4.77 19.31
C GLU A 368 -17.06 5.43 17.94
N LEU A 369 -18.13 6.07 17.46
CA LEU A 369 -18.10 6.75 16.17
C LEU A 369 -17.17 7.96 16.21
N ALA A 370 -17.29 8.76 17.26
CA ALA A 370 -16.45 9.94 17.43
C ALA A 370 -15.00 9.50 17.37
N GLY A 371 -14.71 8.39 18.04
CA GLY A 371 -13.35 7.88 18.04
C GLY A 371 -12.92 7.54 16.63
N ALA A 372 -13.77 6.82 15.92
CA ALA A 372 -13.46 6.40 14.56
C ALA A 372 -13.22 7.62 13.69
N TRP A 373 -14.02 8.67 13.90
CA TRP A 373 -13.89 9.89 13.12
C TRP A 373 -12.57 10.61 13.39
N LYS A 374 -12.15 10.64 14.64
CA LYS A 374 -10.90 11.31 14.97
C LYS A 374 -9.77 10.72 14.14
N HIS A 375 -9.66 9.41 14.20
CA HIS A 375 -8.60 8.72 13.49
C HIS A 375 -8.85 8.54 12.00
N SER A 376 -9.95 9.05 11.49
CA SER A 376 -10.19 8.94 10.06
C SER A 376 -9.36 10.08 9.50
N ARG A 377 -9.02 10.03 8.22
CA ARG A 377 -8.23 11.11 7.63
C ARG A 377 -9.13 12.22 7.05
N ALA A 378 -10.43 12.11 7.31
CA ALA A 378 -11.41 13.07 6.82
C ALA A 378 -10.97 14.51 6.91
N ARG A 379 -11.39 15.31 5.95
CA ARG A 379 -11.06 16.73 5.89
C ARG A 379 -11.68 17.45 7.09
N PRO A 380 -11.27 18.70 7.35
CA PRO A 380 -11.79 19.51 8.47
C PRO A 380 -13.28 19.82 8.43
N PHE A 381 -13.80 20.15 7.25
CA PHE A 381 -15.23 20.45 7.09
C PHE A 381 -15.91 19.35 6.30
N VAL A 382 -16.77 18.61 6.99
CA VAL A 382 -17.47 17.50 6.35
C VAL A 382 -18.92 17.80 6.05
N HIS A 383 -19.29 17.76 4.79
CA HIS A 383 -20.67 18.00 4.41
C HIS A 383 -21.42 16.68 4.58
N ILE A 384 -22.58 16.74 5.23
CA ILE A 384 -23.39 15.55 5.43
C ILE A 384 -24.51 15.54 4.38
N MET A 385 -24.51 14.50 3.54
CA MET A 385 -25.50 14.39 2.48
C MET A 385 -26.58 13.36 2.77
N GLN A 386 -27.80 13.84 2.91
CA GLN A 386 -28.93 12.95 3.16
C GLN A 386 -30.00 13.24 2.10
N ASP A 387 -31.02 12.39 2.06
CA ASP A 387 -32.09 12.59 1.11
C ASP A 387 -33.10 13.50 1.80
N LYS A 388 -34.18 13.85 1.11
CA LYS A 388 -35.21 14.72 1.70
C LYS A 388 -36.35 13.93 2.32
N ASP A 389 -36.07 13.32 3.47
CA ASP A 389 -37.02 12.52 4.22
C ASP A 389 -36.81 12.81 5.69
N ILE A 390 -37.86 13.27 6.36
CA ILE A 390 -37.74 13.56 7.79
C ILE A 390 -37.28 12.31 8.54
N GLU A 391 -37.25 11.20 7.82
CA GLU A 391 -36.84 9.93 8.37
C GLU A 391 -35.32 9.89 8.54
N GLU A 392 -34.60 10.27 7.50
CA GLU A 392 -33.15 10.26 7.53
C GLU A 392 -32.55 11.44 8.30
N ASN A 393 -33.42 12.33 8.76
CA ASN A 393 -32.95 13.50 9.49
C ASN A 393 -32.13 13.19 10.74
N TYR A 394 -32.70 12.44 11.67
CA TYR A 394 -31.99 12.12 12.90
C TYR A 394 -30.81 11.20 12.67
N HIS A 395 -30.87 10.39 11.61
CA HIS A 395 -29.77 9.51 11.32
C HIS A 395 -28.60 10.40 10.92
N ALA A 396 -28.91 11.43 10.17
CA ALA A 396 -27.92 12.37 9.69
C ALA A 396 -27.46 13.29 10.81
N GLN A 397 -28.37 13.61 11.71
CA GLN A 397 -28.06 14.49 12.82
C GLN A 397 -27.40 13.76 14.00
N PHE A 398 -27.56 12.44 14.02
CA PHE A 398 -26.97 11.61 15.05
C PHE A 398 -25.49 11.50 14.69
N MET A 399 -25.24 11.36 13.39
CA MET A 399 -23.88 11.23 12.86
C MET A 399 -23.16 12.57 12.98
N GLU A 400 -23.88 13.66 12.74
CA GLU A 400 -23.29 14.99 12.80
C GLU A 400 -22.77 15.27 14.19
N GLN A 401 -23.50 14.79 15.18
CA GLN A 401 -23.12 15.02 16.56
C GLN A 401 -21.78 14.33 16.84
N ALA A 402 -21.61 13.12 16.32
CA ALA A 402 -20.36 12.37 16.52
C ALA A 402 -19.20 13.17 15.93
N LEU A 403 -19.37 13.61 14.69
CA LEU A 403 -18.36 14.41 14.02
C LEU A 403 -18.00 15.62 14.86
N HIS A 404 -19.01 16.31 15.38
CA HIS A 404 -18.79 17.49 16.19
C HIS A 404 -17.98 17.15 17.43
N GLN A 405 -18.26 16.02 18.04
CA GLN A 405 -17.54 15.59 19.22
C GLN A 405 -16.12 15.23 18.82
N ALA A 406 -15.97 14.89 17.55
CA ALA A 406 -14.66 14.55 16.99
C ALA A 406 -13.93 15.82 16.56
N GLY A 407 -14.62 16.96 16.63
CA GLY A 407 -14.01 18.24 16.28
C GLY A 407 -14.23 18.75 14.87
N PHE A 408 -14.91 17.99 14.03
CA PHE A 408 -15.13 18.42 12.64
C PHE A 408 -16.30 19.36 12.50
N GLU A 409 -16.26 20.18 11.45
CA GLU A 409 -17.34 21.12 11.16
C GLU A 409 -18.27 20.44 10.17
N THR A 410 -19.57 20.70 10.30
CA THR A 410 -20.51 20.07 9.40
C THR A 410 -21.61 20.97 8.91
N ARG A 411 -22.19 20.57 7.79
CA ARG A 411 -23.29 21.28 7.18
C ARG A 411 -24.14 20.19 6.52
N ILE A 412 -25.39 20.08 6.94
CA ILE A 412 -26.27 19.06 6.40
C ILE A 412 -26.97 19.49 5.12
N LEU A 413 -26.77 18.70 4.08
CA LEU A 413 -27.39 18.97 2.79
C LEU A 413 -28.50 17.95 2.60
N ARG A 414 -29.73 18.43 2.47
CA ARG A 414 -30.87 17.54 2.28
C ARG A 414 -31.26 17.65 0.81
N GLY A 415 -30.97 16.60 0.06
CA GLY A 415 -31.29 16.62 -1.35
C GLY A 415 -30.10 17.19 -2.06
N LEU A 416 -30.18 17.35 -3.37
CA LEU A 416 -29.08 17.87 -4.15
C LEU A 416 -29.32 19.30 -4.66
N ASP A 417 -30.40 19.92 -4.20
CA ASP A 417 -30.75 21.27 -4.63
C ASP A 417 -29.76 22.36 -4.23
N GLU A 418 -29.34 22.36 -2.97
CA GLU A 418 -28.42 23.38 -2.49
C GLU A 418 -27.06 23.41 -3.17
N LEU A 419 -26.74 22.37 -3.94
CA LEU A 419 -25.44 22.32 -4.62
C LEU A 419 -25.36 23.03 -5.95
N GLY A 420 -24.13 23.34 -6.37
CA GLY A 420 -23.90 24.01 -7.63
C GLY A 420 -22.42 24.17 -7.95
N TRP A 421 -22.11 24.59 -9.17
CA TRP A 421 -20.72 24.79 -9.60
C TRP A 421 -20.49 26.27 -9.86
N ASP A 422 -19.22 26.66 -9.98
CA ASP A 422 -18.89 28.05 -10.29
C ASP A 422 -18.41 28.09 -11.73
N ALA A 423 -17.87 29.24 -12.16
CA ALA A 423 -17.37 29.40 -13.53
C ALA A 423 -16.41 28.30 -13.99
N ALA A 424 -15.41 28.00 -13.15
CA ALA A 424 -14.42 26.98 -13.48
C ALA A 424 -15.05 25.56 -13.54
N GLY A 425 -15.95 25.28 -12.60
CA GLY A 425 -16.60 23.98 -12.57
C GLY A 425 -16.40 23.31 -11.22
N GLN A 426 -16.10 24.11 -10.19
CA GLN A 426 -15.89 23.57 -8.86
C GLN A 426 -17.18 23.46 -8.04
N LEU A 427 -17.38 22.30 -7.42
CA LEU A 427 -18.55 22.02 -6.62
C LEU A 427 -18.60 22.90 -5.36
N ILE A 428 -19.77 23.49 -5.10
CA ILE A 428 -19.96 24.36 -3.95
C ILE A 428 -21.36 24.17 -3.35
N ASP A 429 -21.50 24.53 -2.08
CA ASP A 429 -22.79 24.41 -1.41
C ASP A 429 -23.64 25.67 -1.51
N GLY A 430 -24.79 25.66 -0.84
CA GLY A 430 -25.67 26.82 -0.88
C GLY A 430 -25.13 28.07 -0.24
N GLU A 431 -23.82 28.14 -0.06
CA GLU A 431 -23.18 29.29 0.53
C GLU A 431 -21.80 29.47 -0.08
N GLY A 432 -21.67 29.02 -1.32
CA GLY A 432 -20.42 29.14 -2.04
C GLY A 432 -19.21 28.41 -1.49
N ARG A 433 -19.40 27.56 -0.47
CA ARG A 433 -18.30 26.79 0.10
C ARG A 433 -17.98 25.55 -0.73
N LEU A 434 -16.69 25.28 -0.93
CA LEU A 434 -16.26 24.11 -1.69
C LEU A 434 -16.60 22.84 -0.93
N VAL A 435 -17.28 21.93 -1.61
CA VAL A 435 -17.64 20.65 -0.99
C VAL A 435 -16.53 19.66 -1.37
N ASN A 436 -15.75 19.22 -0.38
CA ASN A 436 -14.64 18.30 -0.64
C ASN A 436 -14.63 17.05 0.23
N CYS A 437 -15.40 17.06 1.31
CA CYS A 437 -15.48 15.92 2.22
C CYS A 437 -16.96 15.63 2.47
N VAL A 438 -17.40 14.42 2.16
CA VAL A 438 -18.80 14.10 2.31
C VAL A 438 -19.15 12.78 2.95
N TRP A 439 -20.04 12.81 3.96
CA TRP A 439 -20.54 11.60 4.59
C TRP A 439 -21.95 11.44 4.00
N LYS A 440 -22.19 10.32 3.34
CA LYS A 440 -23.45 10.08 2.71
C LYS A 440 -24.31 9.05 3.41
N THR A 441 -25.62 9.14 3.21
CA THR A 441 -26.56 8.18 3.75
C THR A 441 -26.98 7.47 2.47
N TRP A 442 -26.79 8.18 1.35
CA TRP A 442 -27.13 7.65 0.05
C TRP A 442 -26.35 6.35 -0.19
N ALA A 443 -26.96 5.42 -0.90
CA ALA A 443 -26.29 4.16 -1.20
C ALA A 443 -25.47 4.30 -2.49
N TRP A 444 -24.22 3.84 -2.46
CA TRP A 444 -23.37 3.92 -3.63
C TRP A 444 -24.07 3.39 -4.89
N GLU A 445 -24.85 2.31 -4.72
CA GLU A 445 -25.54 1.71 -5.85
C GLU A 445 -26.39 2.72 -6.58
N THR A 446 -26.88 3.71 -5.86
CA THR A 446 -27.71 4.74 -6.47
C THR A 446 -26.86 5.49 -7.50
N ALA A 447 -25.64 5.83 -7.09
CA ALA A 447 -24.72 6.54 -7.98
C ALA A 447 -24.44 5.68 -9.22
N PHE A 448 -24.24 4.38 -9.00
CA PHE A 448 -23.93 3.47 -10.09
C PHE A 448 -25.05 3.42 -11.09
N ASP A 449 -26.28 3.56 -10.62
CA ASP A 449 -27.41 3.53 -11.53
C ASP A 449 -27.39 4.72 -12.50
N GLN A 450 -27.04 5.90 -11.97
CA GLN A 450 -26.98 7.09 -12.79
C GLN A 450 -25.96 6.89 -13.91
N ILE A 451 -25.10 5.89 -13.76
CA ILE A 451 -24.08 5.59 -14.78
C ILE A 451 -24.63 4.59 -15.78
N ARG A 452 -25.57 3.75 -15.32
CA ARG A 452 -26.20 2.75 -16.17
C ARG A 452 -27.21 3.43 -17.09
N GLU A 453 -27.82 4.51 -16.59
CA GLU A 453 -28.81 5.31 -17.36
C GLU A 453 -28.26 5.57 -18.76
N VAL A 454 -26.90 5.82 -19.12
CA VAL A 454 -26.31 6.36 -20.34
C VAL A 454 -25.96 5.25 -21.32
N ARG A 457 -23.14 5.44 -24.70
CA ARG A 457 -21.93 6.12 -25.17
C ARG A 457 -20.70 5.41 -24.62
N GLU A 458 -19.62 5.43 -25.38
CA GLU A 458 -18.37 4.79 -24.97
C GLU A 458 -17.54 5.83 -24.23
N PHE A 459 -18.09 6.36 -23.13
CA PHE A 459 -17.40 7.37 -22.34
C PHE A 459 -16.00 6.93 -21.88
N ALA A 460 -15.07 7.86 -21.90
CA ALA A 460 -13.69 7.57 -21.51
C ALA A 460 -13.43 7.60 -20.00
N ALA A 461 -14.48 7.82 -19.21
CA ALA A 461 -14.37 7.88 -17.76
C ALA A 461 -15.74 7.96 -17.14
N VAL A 462 -15.79 8.00 -15.81
CA VAL A 462 -17.09 8.08 -15.15
C VAL A 462 -17.77 9.33 -15.70
N PRO A 463 -18.96 9.17 -16.27
CA PRO A 463 -19.69 10.30 -16.85
C PRO A 463 -20.31 11.27 -15.84
N ILE A 464 -19.48 12.07 -15.18
CA ILE A 464 -20.00 13.06 -14.23
C ILE A 464 -19.97 14.44 -14.86
N ARG A 465 -20.68 15.37 -14.26
CA ARG A 465 -20.73 16.72 -14.77
C ARG A 465 -19.89 17.71 -13.96
N THR A 466 -19.31 18.67 -14.65
CA THR A 466 -18.49 19.72 -14.04
C THR A 466 -19.09 21.06 -14.42
N GLY A 467 -20.23 20.97 -15.10
CA GLY A 467 -20.95 22.14 -15.54
C GLY A 467 -22.28 21.71 -16.11
N HIS A 468 -23.27 22.60 -16.05
CA HIS A 468 -24.60 22.29 -16.58
C HIS A 468 -25.43 23.58 -16.65
N PRO A 469 -26.16 23.78 -17.75
CA PRO A 469 -26.99 24.97 -17.92
C PRO A 469 -27.77 25.43 -16.68
N GLN A 470 -28.51 24.50 -16.06
CA GLN A 470 -29.31 24.82 -14.89
C GLN A 470 -28.60 24.69 -13.55
N ASN A 471 -27.31 24.39 -13.57
CA ASN A 471 -26.57 24.24 -12.33
C ASN A 471 -27.24 23.10 -11.55
N GLU A 472 -27.71 22.10 -12.29
CA GLU A 472 -28.39 20.94 -11.73
C GLU A 472 -27.42 19.81 -11.40
N VAL A 473 -27.02 19.68 -10.14
CA VAL A 473 -26.08 18.63 -9.71
C VAL A 473 -26.76 17.31 -9.38
N ARG A 474 -26.07 16.21 -9.67
CA ARG A 474 -26.61 14.88 -9.40
C ARG A 474 -25.72 14.17 -8.38
N LEU A 475 -26.19 13.03 -7.89
CA LEU A 475 -25.41 12.26 -6.91
C LEU A 475 -24.00 11.85 -7.38
N ILE A 476 -23.89 11.31 -8.59
CA ILE A 476 -22.58 10.91 -9.10
C ILE A 476 -21.67 12.11 -9.32
N ASP A 477 -22.26 13.22 -9.73
CA ASP A 477 -21.52 14.45 -9.98
C ASP A 477 -20.82 14.94 -8.71
N VAL A 478 -21.08 14.26 -7.60
CA VAL A 478 -20.49 14.62 -6.33
C VAL A 478 -19.62 13.49 -5.80
N LEU A 479 -20.22 12.32 -5.61
CA LEU A 479 -19.50 11.17 -5.06
C LEU A 479 -18.34 10.67 -5.90
N LEU A 480 -18.42 10.85 -7.21
CA LEU A 480 -17.35 10.39 -8.08
C LEU A 480 -16.44 11.49 -8.62
N ARG A 481 -16.49 12.64 -7.96
CA ARG A 481 -15.66 13.78 -8.29
C ARG A 481 -14.35 13.59 -7.50
N PRO A 482 -13.25 13.31 -8.19
CA PRO A 482 -11.91 13.08 -7.65
C PRO A 482 -11.50 13.75 -6.34
N GLU A 483 -11.48 15.08 -6.31
CA GLU A 483 -11.04 15.80 -5.11
C GLU A 483 -11.96 15.69 -3.91
N VAL A 484 -13.13 15.08 -4.08
CA VAL A 484 -14.06 14.93 -2.97
C VAL A 484 -13.71 13.67 -2.18
N LEU A 485 -13.66 13.78 -0.86
CA LEU A 485 -13.33 12.66 0.01
C LEU A 485 -14.60 12.07 0.61
N VAL A 486 -15.03 10.94 0.09
CA VAL A 486 -16.25 10.31 0.53
C VAL A 486 -16.13 9.23 1.62
N PHE A 487 -17.14 9.19 2.49
CA PHE A 487 -17.24 8.24 3.56
C PHE A 487 -18.67 7.76 3.44
N GLU A 488 -18.90 6.45 3.30
CA GLU A 488 -17.87 5.42 3.31
C GLU A 488 -17.20 5.32 1.96
N PRO A 489 -15.89 5.00 1.96
CA PRO A 489 -15.13 4.89 0.70
C PRO A 489 -15.77 3.94 -0.29
N LEU A 490 -15.45 4.13 -1.57
CA LEU A 490 -16.00 3.31 -2.64
C LEU A 490 -15.85 1.78 -2.46
N TRP A 491 -14.65 1.33 -2.12
CA TRP A 491 -14.40 -0.11 -1.94
C TRP A 491 -15.39 -0.83 -1.06
N THR A 492 -16.12 -0.11 -0.23
CA THR A 492 -17.07 -0.77 0.64
C THR A 492 -18.25 -1.40 -0.09
N VAL A 493 -18.50 -0.99 -1.33
CA VAL A 493 -19.62 -1.56 -2.06
C VAL A 493 -19.39 -3.06 -2.30
N ILE A 494 -18.12 -3.51 -2.25
CA ILE A 494 -17.80 -4.90 -2.45
C ILE A 494 -18.32 -5.78 -1.29
N PRO A 495 -17.88 -5.52 -0.05
CA PRO A 495 -18.38 -6.35 1.05
C PRO A 495 -19.89 -6.13 1.30
N GLY A 496 -20.42 -5.01 0.81
CA GLY A 496 -21.84 -4.74 0.97
C GLY A 496 -22.71 -5.32 -0.16
N ASN A 497 -22.07 -5.95 -1.15
CA ASN A 497 -22.78 -6.56 -2.26
C ASN A 497 -22.87 -8.06 -1.97
N LYS A 498 -24.08 -8.59 -2.04
CA LYS A 498 -24.32 -9.99 -1.74
C LYS A 498 -23.63 -11.00 -2.64
N ALA A 499 -23.01 -10.52 -3.71
CA ALA A 499 -22.31 -11.44 -4.60
C ALA A 499 -21.06 -11.99 -3.90
N ILE A 500 -20.63 -11.30 -2.86
CA ILE A 500 -19.44 -11.69 -2.12
C ILE A 500 -19.68 -12.93 -1.25
N LEU A 501 -20.94 -13.22 -0.95
CA LEU A 501 -21.27 -14.37 -0.12
C LEU A 501 -20.74 -15.68 -0.71
N PRO A 502 -21.06 -15.98 -1.99
CA PRO A 502 -20.58 -17.22 -2.60
C PRO A 502 -19.08 -17.37 -2.50
N ILE A 503 -18.37 -16.25 -2.50
CA ILE A 503 -16.91 -16.25 -2.41
C ILE A 503 -16.46 -16.56 -1.01
N LEU A 504 -17.09 -15.94 -0.01
CA LEU A 504 -16.72 -16.17 1.38
C LEU A 504 -16.84 -17.66 1.69
N TRP A 505 -17.82 -18.29 1.08
CA TRP A 505 -18.05 -19.71 1.27
C TRP A 505 -16.92 -20.48 0.65
N SER A 506 -16.50 -20.03 -0.53
CA SER A 506 -15.42 -20.68 -1.24
C SER A 506 -14.09 -20.52 -0.51
N LEU A 507 -13.96 -19.44 0.24
CA LEU A 507 -12.74 -19.14 0.98
C LEU A 507 -12.79 -19.77 2.37
N PHE A 508 -13.95 -19.70 3.02
CA PHE A 508 -14.09 -20.26 4.35
C PHE A 508 -15.19 -21.31 4.38
N PRO A 509 -14.94 -22.46 3.71
CA PRO A 509 -15.90 -23.57 3.63
C PRO A 509 -16.40 -23.99 5.01
N HIS A 510 -17.70 -24.23 5.10
CA HIS A 510 -18.34 -24.66 6.34
C HIS A 510 -17.89 -23.89 7.59
N HIS A 511 -17.53 -22.63 7.41
CA HIS A 511 -17.15 -21.83 8.55
C HIS A 511 -18.40 -21.85 9.44
N ARG A 512 -18.22 -21.88 10.75
CA ARG A 512 -19.34 -21.92 11.68
C ARG A 512 -20.32 -20.76 11.56
N TYR A 513 -19.84 -19.59 11.13
CA TYR A 513 -20.73 -18.42 11.02
C TYR A 513 -21.35 -18.21 9.63
N LEU A 514 -20.76 -18.81 8.60
CA LEU A 514 -21.25 -18.64 7.24
C LEU A 514 -22.33 -19.62 6.82
N LEU A 515 -23.17 -19.19 5.89
CA LEU A 515 -24.23 -20.04 5.34
C LEU A 515 -23.91 -20.31 3.87
N ASP A 516 -23.95 -21.57 3.46
CA ASP A 516 -23.65 -21.92 2.08
C ASP A 516 -24.46 -21.08 1.10
N THR A 517 -23.77 -20.32 0.26
CA THR A 517 -24.42 -19.45 -0.73
C THR A 517 -23.86 -19.69 -2.12
N ASP A 518 -24.71 -19.60 -3.12
CA ASP A 518 -24.30 -19.85 -4.49
C ASP A 518 -25.11 -18.96 -5.42
N PHE A 519 -24.63 -18.80 -6.67
CA PHE A 519 -25.32 -17.99 -7.65
C PHE A 519 -26.36 -18.83 -8.38
N THR A 520 -26.46 -20.11 -8.01
CA THR A 520 -27.42 -21.03 -8.62
C THR A 520 -27.86 -22.02 -7.56
N VAL A 521 -29.07 -22.55 -7.70
CA VAL A 521 -29.57 -23.50 -6.72
C VAL A 521 -28.91 -24.87 -6.86
N ASN A 522 -27.71 -25.02 -6.32
CA ASN A 522 -27.00 -26.29 -6.40
C ASN A 522 -27.82 -27.33 -5.67
N ASP A 523 -27.45 -28.60 -5.85
CA ASP A 523 -28.18 -29.69 -5.21
C ASP A 523 -28.41 -29.47 -3.73
N GLU A 524 -27.33 -29.22 -3.00
CA GLU A 524 -27.42 -29.02 -1.56
C GLU A 524 -28.55 -28.08 -1.12
N LEU A 525 -28.53 -26.85 -1.63
CA LEU A 525 -29.55 -25.87 -1.29
C LEU A 525 -30.96 -26.44 -1.46
N VAL A 526 -31.16 -27.17 -2.56
CA VAL A 526 -32.46 -27.78 -2.86
C VAL A 526 -32.97 -28.62 -1.69
N LYS A 527 -32.09 -29.41 -1.09
CA LYS A 527 -32.44 -30.29 0.03
C LYS A 527 -32.71 -29.55 1.34
N THR A 528 -32.02 -28.43 1.52
CA THR A 528 -32.16 -27.65 2.74
C THR A 528 -33.11 -26.45 2.64
N GLY A 529 -33.46 -26.09 1.40
CA GLY A 529 -34.31 -24.94 1.21
C GLY A 529 -33.39 -23.74 1.05
N TYR A 530 -33.92 -22.58 0.68
CA TYR A 530 -33.05 -21.43 0.49
C TYR A 530 -33.75 -20.08 0.43
N ALA A 531 -32.95 -19.03 0.33
CA ALA A 531 -33.44 -17.68 0.25
C ALA A 531 -32.86 -17.05 -1.01
N VAL A 532 -33.73 -16.44 -1.82
CA VAL A 532 -33.29 -15.77 -3.05
C VAL A 532 -33.21 -14.29 -2.72
N LYS A 533 -32.04 -13.70 -2.94
CA LYS A 533 -31.84 -12.29 -2.62
C LYS A 533 -31.02 -11.52 -3.64
N PRO A 534 -31.52 -10.37 -4.10
CA PRO A 534 -30.79 -9.55 -5.07
C PRO A 534 -29.44 -9.09 -4.51
N ILE A 535 -28.38 -9.35 -5.26
CA ILE A 535 -27.02 -8.99 -4.84
C ILE A 535 -26.81 -7.54 -4.36
N ALA A 536 -27.51 -6.59 -4.98
CA ALA A 536 -27.36 -5.22 -4.58
C ALA A 536 -28.66 -4.58 -4.07
N GLY A 537 -29.45 -5.35 -3.32
CA GLY A 537 -30.69 -4.84 -2.79
C GLY A 537 -30.53 -4.54 -1.31
N ARG A 538 -31.63 -4.23 -0.63
CA ARG A 538 -31.61 -3.91 0.79
C ARG A 538 -33.00 -3.81 1.40
N CYS A 539 -33.06 -3.72 2.73
CA CYS A 539 -34.33 -3.63 3.46
C CYS A 539 -35.26 -4.81 3.23
N GLY A 540 -34.68 -5.96 2.90
CA GLY A 540 -35.49 -7.15 2.65
C GLY A 540 -36.35 -7.03 1.41
N SER A 541 -35.79 -6.46 0.35
CA SER A 541 -36.53 -6.28 -0.89
C SER A 541 -36.34 -7.44 -1.82
N ASN A 542 -37.44 -7.90 -2.40
CA ASN A 542 -37.44 -9.01 -3.34
C ASN A 542 -36.84 -10.27 -2.76
N ILE A 543 -37.06 -10.51 -1.48
CA ILE A 543 -36.54 -11.70 -0.81
C ILE A 543 -37.49 -12.87 -1.01
N ASP A 544 -36.96 -14.00 -1.47
CA ASP A 544 -37.78 -15.18 -1.70
C ASP A 544 -37.29 -16.37 -0.87
N LEU A 545 -38.14 -16.83 0.04
CA LEU A 545 -37.79 -17.95 0.90
C LEU A 545 -38.52 -19.23 0.46
N VAL A 546 -37.74 -20.22 0.02
CA VAL A 546 -38.28 -21.49 -0.43
C VAL A 546 -37.85 -22.59 0.53
N SER A 547 -38.80 -23.44 0.94
CA SER A 547 -38.52 -24.53 1.87
C SER A 547 -37.89 -25.73 1.16
N HIS A 548 -37.40 -26.69 1.93
CA HIS A 548 -36.78 -27.88 1.36
C HIS A 548 -37.87 -28.72 0.71
N HIS A 549 -39.12 -28.41 1.04
CA HIS A 549 -40.29 -29.07 0.48
C HIS A 549 -40.50 -28.43 -0.88
N GLU A 550 -39.83 -27.29 -1.08
CA GLU A 550 -39.92 -26.50 -2.31
C GLU A 550 -41.20 -25.68 -2.29
N GLU A 551 -41.54 -25.19 -1.10
CA GLU A 551 -42.72 -24.34 -0.90
C GLU A 551 -42.25 -22.93 -0.53
N VAL A 552 -42.74 -21.94 -1.24
CA VAL A 552 -42.36 -20.56 -0.95
C VAL A 552 -42.94 -20.15 0.40
N LEU A 553 -42.07 -20.05 1.40
CA LEU A 553 -42.46 -19.68 2.76
C LEU A 553 -42.90 -18.22 2.83
N ASP A 554 -42.17 -17.34 2.17
CA ASP A 554 -42.50 -15.92 2.18
C ASP A 554 -41.93 -15.22 0.95
N LYS A 555 -42.50 -14.08 0.60
CA LYS A 555 -42.06 -13.28 -0.55
C LYS A 555 -42.31 -11.80 -0.32
N THR A 556 -41.36 -10.99 -0.74
CA THR A 556 -41.47 -9.53 -0.61
C THR A 556 -41.16 -8.90 -1.95
N SER A 557 -41.98 -7.95 -2.35
CA SER A 557 -41.79 -7.25 -3.61
C SER A 557 -40.65 -6.24 -3.42
N GLY A 558 -40.28 -5.55 -4.49
CA GLY A 558 -39.20 -4.58 -4.36
C GLY A 558 -38.81 -3.88 -5.64
N LYS A 559 -37.91 -2.91 -5.51
CA LYS A 559 -37.44 -2.13 -6.65
C LYS A 559 -36.23 -2.76 -7.35
N PHE A 560 -35.72 -3.87 -6.83
CA PHE A 560 -34.56 -4.52 -7.42
C PHE A 560 -34.87 -5.85 -8.12
N ALA A 561 -36.15 -6.12 -8.32
CA ALA A 561 -36.58 -7.36 -8.96
C ALA A 561 -35.76 -7.82 -10.18
N GLU A 562 -35.22 -6.86 -10.93
CA GLU A 562 -34.49 -7.20 -12.15
C GLU A 562 -33.01 -7.56 -12.07
N GLN A 563 -32.34 -7.21 -10.97
CA GLN A 563 -30.90 -7.49 -10.85
C GLN A 563 -30.57 -8.92 -10.46
N LYS A 564 -29.29 -9.28 -10.61
CA LYS A 564 -28.80 -10.61 -10.28
C LYS A 564 -29.15 -11.02 -8.85
N ASN A 565 -29.22 -12.33 -8.63
CA ASN A 565 -29.54 -12.87 -7.31
C ASN A 565 -28.51 -13.89 -6.87
N ILE A 566 -28.59 -14.26 -5.60
CA ILE A 566 -27.71 -15.28 -5.03
C ILE A 566 -28.62 -16.16 -4.19
N TYR A 567 -28.26 -17.41 -3.96
CA TYR A 567 -29.11 -18.28 -3.16
C TYR A 567 -28.39 -18.68 -1.88
N GLN A 568 -29.03 -18.40 -0.75
CA GLN A 568 -28.46 -18.71 0.56
C GLN A 568 -29.29 -19.76 1.30
N GLN A 569 -28.65 -20.88 1.63
CA GLN A 569 -29.33 -21.99 2.33
C GLN A 569 -30.25 -21.41 3.41
N LEU A 570 -31.52 -21.80 3.36
CA LEU A 570 -32.49 -21.29 4.31
C LEU A 570 -32.03 -21.48 5.74
N TRP A 571 -32.41 -20.55 6.60
CA TRP A 571 -32.05 -20.60 8.02
C TRP A 571 -32.91 -19.51 8.64
N CYS A 572 -34.21 -19.80 8.78
CA CYS A 572 -35.21 -18.88 9.32
C CYS A 572 -34.96 -18.33 10.71
N LEU A 573 -35.18 -17.03 10.86
CA LEU A 573 -35.00 -16.35 12.15
C LEU A 573 -35.86 -17.04 13.20
N PRO A 574 -35.45 -16.97 14.47
CA PRO A 574 -36.25 -17.59 15.53
C PRO A 574 -37.51 -16.76 15.78
N LYS A 575 -38.36 -17.23 16.68
CA LYS A 575 -39.59 -16.52 17.00
C LYS A 575 -39.81 -16.49 18.52
N VAL A 576 -39.56 -15.34 19.12
CA VAL A 576 -39.72 -15.19 20.56
C VAL A 576 -40.79 -14.15 20.87
N ASP A 577 -41.77 -14.55 21.68
CA ASP A 577 -42.86 -13.68 22.08
C ASP A 577 -43.63 -13.08 20.92
N GLY A 578 -44.13 -13.94 20.04
CA GLY A 578 -44.92 -13.50 18.89
C GLY A 578 -44.24 -12.92 17.68
N LYS A 579 -42.98 -12.50 17.79
CA LYS A 579 -42.27 -11.91 16.66
C LYS A 579 -40.99 -12.66 16.34
N TYR A 580 -40.44 -12.37 15.16
CA TYR A 580 -39.18 -12.98 14.72
C TYR A 580 -38.03 -12.03 15.03
N ILE A 581 -37.16 -12.45 15.93
CA ILE A 581 -36.05 -11.64 16.36
C ILE A 581 -34.75 -11.86 15.58
N GLN A 582 -34.24 -10.78 15.00
CA GLN A 582 -32.99 -10.81 14.27
C GLN A 582 -32.00 -9.97 15.05
N VAL A 583 -30.74 -10.39 15.07
CA VAL A 583 -29.71 -9.66 15.80
C VAL A 583 -28.80 -8.91 14.84
N CYS A 584 -28.44 -7.70 15.23
CA CYS A 584 -27.57 -6.87 14.42
C CYS A 584 -26.44 -6.32 15.27
N THR A 585 -25.23 -6.37 14.72
CA THR A 585 -24.06 -5.85 15.41
C THR A 585 -23.48 -4.75 14.55
N PHE A 586 -22.98 -3.69 15.18
CA PHE A 586 -22.41 -2.59 14.44
C PHE A 586 -20.91 -2.73 14.40
N THR A 587 -20.29 -2.21 13.35
CA THR A 587 -18.84 -2.23 13.24
C THR A 587 -18.39 -0.77 13.16
N VAL A 588 -17.50 -0.37 14.05
CA VAL A 588 -17.00 0.98 14.05
C VAL A 588 -15.49 0.91 14.01
N GLY A 589 -14.92 1.06 12.80
CA GLY A 589 -13.48 1.00 12.65
C GLY A 589 -13.06 -0.45 12.60
N GLY A 590 -13.88 -1.28 11.96
CA GLY A 590 -13.59 -2.69 11.87
C GLY A 590 -13.73 -3.48 13.16
N ASN A 591 -14.35 -2.88 14.18
CA ASN A 591 -14.53 -3.57 15.46
C ASN A 591 -15.95 -3.42 16.00
N TYR A 592 -16.36 -4.41 16.79
CA TYR A 592 -17.68 -4.44 17.39
C TYR A 592 -17.96 -3.10 18.05
N GLY A 593 -19.13 -2.53 17.75
CA GLY A 593 -19.51 -1.25 18.33
C GLY A 593 -20.80 -1.31 19.14
N GLY A 594 -21.52 -2.42 19.01
CA GLY A 594 -22.76 -2.58 19.75
C GLY A 594 -23.69 -3.61 19.15
N THR A 595 -24.87 -3.76 19.76
CA THR A 595 -25.85 -4.73 19.32
C THR A 595 -27.25 -4.15 19.41
N CYS A 596 -28.16 -4.67 18.60
CA CYS A 596 -29.57 -4.24 18.61
C CYS A 596 -30.42 -5.36 18.00
N LEU A 597 -31.74 -5.22 18.11
CA LEU A 597 -32.66 -6.23 17.57
C LEU A 597 -33.59 -5.65 16.51
N ARG A 598 -34.25 -6.54 15.80
CA ARG A 598 -35.20 -6.14 14.76
C ARG A 598 -36.26 -7.22 14.62
N GLY A 599 -37.40 -7.02 15.27
CA GLY A 599 -38.48 -8.00 15.20
C GLY A 599 -39.38 -7.77 14.01
N ASP A 600 -40.11 -8.82 13.62
CA ASP A 600 -41.02 -8.74 12.49
C ASP A 600 -42.10 -9.82 12.58
N GLU A 601 -43.31 -9.47 12.19
CA GLU A 601 -44.43 -10.40 12.19
C GLU A 601 -44.03 -11.60 11.36
N SER A 602 -43.31 -11.34 10.28
CA SER A 602 -42.86 -12.39 9.38
C SER A 602 -41.40 -12.78 9.53
N LEU A 603 -40.95 -13.64 8.63
CA LEU A 603 -39.58 -14.13 8.64
C LEU A 603 -38.64 -13.18 7.93
N VAL A 604 -39.19 -12.15 7.29
CA VAL A 604 -38.36 -11.20 6.55
C VAL A 604 -38.27 -9.83 7.22
N ILE A 605 -37.07 -9.47 7.67
CA ILE A 605 -36.86 -8.17 8.30
C ILE A 605 -36.93 -7.14 7.19
N LYS A 606 -37.71 -6.09 7.40
CA LYS A 606 -37.85 -5.02 6.40
C LYS A 606 -37.59 -3.61 6.95
N LYS A 607 -37.74 -2.64 6.07
CA LYS A 607 -37.54 -1.25 6.42
C LYS A 607 -38.55 -0.82 7.48
N GLU A 608 -39.72 -1.43 7.45
CA GLU A 608 -40.78 -1.07 8.38
C GLU A 608 -40.89 -1.99 9.59
N SER A 609 -39.80 -2.68 9.92
CA SER A 609 -39.82 -3.55 11.07
C SER A 609 -39.51 -2.72 12.31
N ASP A 610 -39.99 -3.16 13.45
CA ASP A 610 -39.77 -2.42 14.69
C ASP A 610 -38.40 -2.74 15.30
N ILE A 611 -37.99 -1.89 16.23
CA ILE A 611 -36.75 -2.08 16.93
C ILE A 611 -37.19 -2.58 18.30
N GLU A 612 -36.42 -3.48 18.89
CA GLU A 612 -36.79 -4.04 20.17
C GLU A 612 -35.75 -3.73 21.23
N PRO A 613 -36.18 -3.18 22.37
CA PRO A 613 -35.22 -2.86 23.43
C PRO A 613 -34.46 -4.13 23.82
N LEU A 614 -33.14 -4.09 23.75
CA LEU A 614 -32.34 -5.26 24.09
C LEU A 614 -31.54 -5.02 25.36
N ILE A 615 -31.49 -6.03 26.22
CA ILE A 615 -30.75 -5.93 27.46
C ILE A 615 -29.87 -7.13 27.65
N VAL A 616 -28.63 -6.88 28.07
CA VAL A 616 -27.66 -7.94 28.32
C VAL A 616 -27.54 -8.13 29.83
N VAL A 617 -27.59 -9.39 30.26
CA VAL A 617 -27.49 -9.71 31.69
C VAL A 617 -26.54 -10.87 31.96
N LYS A 618 -25.88 -10.82 33.11
CA LYS A 618 -24.93 -11.86 33.48
C LYS A 618 -25.48 -12.69 34.63
N ALA B 10 -4.65 33.43 -18.99
CA ALA B 10 -4.87 33.24 -17.51
C ALA B 10 -3.54 33.01 -16.80
N PRO B 11 -3.49 33.28 -15.48
CA PRO B 11 -2.27 33.10 -14.68
C PRO B 11 -1.86 31.62 -14.51
N PHE B 12 -0.61 31.40 -14.11
CA PHE B 12 -0.10 30.06 -13.91
C PHE B 12 -0.80 29.38 -12.74
N GLY B 13 -1.41 28.23 -13.03
CA GLY B 13 -2.09 27.47 -11.98
C GLY B 13 -3.60 27.69 -11.94
N THR B 14 -4.10 28.53 -12.84
CA THR B 14 -5.53 28.82 -12.89
C THR B 14 -6.32 27.63 -13.37
N LEU B 15 -7.32 27.21 -12.59
CA LEU B 15 -8.16 26.10 -13.01
C LEU B 15 -8.95 26.56 -14.24
N LEU B 16 -8.67 25.95 -15.38
CA LEU B 16 -9.33 26.32 -16.61
C LEU B 16 -10.56 25.45 -16.91
N GLY B 17 -10.66 24.32 -16.23
CA GLY B 17 -11.79 23.43 -16.45
C GLY B 17 -11.39 21.98 -16.20
N TYR B 18 -12.29 21.06 -16.53
CA TYR B 18 -12.00 19.64 -16.34
C TYR B 18 -12.20 18.79 -17.59
N ALA B 19 -11.75 17.55 -17.52
CA ALA B 19 -11.86 16.60 -18.60
C ALA B 19 -12.72 15.46 -18.07
N PRO B 20 -13.11 14.50 -18.93
CA PRO B 20 -13.94 13.38 -18.47
C PRO B 20 -13.47 12.83 -17.14
N GLY B 21 -14.42 12.48 -16.29
CA GLY B 21 -14.09 11.94 -14.99
C GLY B 21 -13.78 13.04 -13.99
N GLY B 22 -13.70 14.27 -14.48
CA GLY B 22 -13.41 15.40 -13.63
C GLY B 22 -11.94 15.55 -13.30
N VAL B 23 -11.10 15.64 -14.34
CA VAL B 23 -9.67 15.79 -14.15
C VAL B 23 -9.31 17.24 -14.50
N ALA B 24 -8.69 17.93 -13.55
CA ALA B 24 -8.33 19.34 -13.73
C ALA B 24 -7.39 19.65 -14.87
N ILE B 25 -7.52 20.85 -15.41
CA ILE B 25 -6.67 21.36 -16.49
C ILE B 25 -6.29 22.79 -16.10
N TYR B 26 -5.01 23.02 -15.85
CA TYR B 26 -4.55 24.33 -15.44
C TYR B 26 -3.80 25.08 -16.51
N SER B 27 -3.53 26.36 -16.24
CA SER B 27 -2.80 27.21 -17.16
C SER B 27 -1.32 27.11 -16.79
N SER B 28 -0.52 26.57 -17.70
CA SER B 28 0.89 26.40 -17.45
C SER B 28 1.63 27.64 -17.91
N ASP B 29 0.90 28.74 -18.05
CA ASP B 29 1.51 29.97 -18.51
C ASP B 29 2.38 30.65 -17.47
N TYR B 30 3.69 30.47 -17.59
CA TYR B 30 4.63 31.11 -16.69
C TYR B 30 4.71 32.50 -17.29
N SER B 31 5.78 33.21 -16.98
CA SER B 31 5.98 34.55 -17.50
C SER B 31 7.18 35.14 -16.78
N SER B 32 8.15 35.64 -17.54
CA SER B 32 9.36 36.22 -16.97
C SER B 32 8.98 37.44 -16.13
N LEU B 33 7.69 37.54 -15.78
CA LEU B 33 7.16 38.64 -14.98
C LEU B 33 6.37 38.15 -13.76
N ASP B 34 6.28 36.84 -13.58
CA ASP B 34 5.58 36.26 -12.45
C ASP B 34 6.31 35.06 -11.83
N ASP B 41 11.51 25.31 -6.65
CA ASP B 41 11.97 24.44 -7.76
C ASP B 41 11.33 23.05 -7.68
N ALA B 42 11.03 22.62 -6.45
CA ALA B 42 10.42 21.33 -6.20
C ALA B 42 8.91 21.46 -6.24
N VAL B 43 8.43 22.68 -6.00
CA VAL B 43 7.01 22.95 -5.99
C VAL B 43 6.40 22.72 -7.37
N PHE B 44 7.26 22.48 -8.35
CA PHE B 44 6.82 22.23 -9.71
C PHE B 44 6.44 20.77 -9.94
N ARG B 45 6.70 19.93 -8.95
CA ARG B 45 6.38 18.51 -9.06
C ARG B 45 4.90 18.25 -8.72
N SER B 46 4.17 17.64 -9.65
CA SER B 46 2.78 17.33 -9.43
C SER B 46 2.67 15.91 -8.91
N TYR B 47 2.14 15.77 -7.70
CA TYR B 47 1.95 14.46 -7.09
C TYR B 47 0.50 14.22 -6.72
N ILE B 48 0.10 12.95 -6.76
CA ILE B 48 -1.23 12.54 -6.35
C ILE B 48 -0.79 11.47 -5.37
N ASP B 49 -0.79 11.82 -4.08
CA ASP B 49 -0.31 10.88 -3.07
C ASP B 49 1.18 10.72 -3.34
N ASP B 50 1.69 9.49 -3.29
CA ASP B 50 3.10 9.26 -3.53
C ASP B 50 3.49 9.15 -5.00
N GLU B 51 2.50 9.16 -5.91
CA GLU B 51 2.80 9.00 -7.33
C GLU B 51 2.98 10.32 -8.09
N TYR B 52 4.15 10.46 -8.69
CA TYR B 52 4.52 11.64 -9.47
C TYR B 52 3.73 11.68 -10.77
N MET B 53 3.08 12.83 -11.04
CA MET B 53 2.29 13.00 -12.24
C MET B 53 3.08 13.68 -13.37
N GLY B 54 3.89 14.67 -13.01
CA GLY B 54 4.69 15.37 -14.00
C GLY B 54 5.17 16.74 -13.52
N HIS B 55 5.36 17.63 -14.49
CA HIS B 55 5.84 18.98 -14.20
C HIS B 55 4.74 20.02 -14.49
N LYS B 56 4.42 20.80 -13.47
CA LYS B 56 3.36 21.81 -13.57
C LYS B 56 3.69 22.90 -14.57
N TRP B 57 2.89 23.04 -15.62
CA TRP B 57 1.76 22.16 -15.91
C TRP B 57 1.84 21.72 -17.37
N GLN B 58 2.90 20.97 -17.70
CA GLN B 58 3.10 20.49 -19.06
C GLN B 58 1.99 19.56 -19.54
N ALA B 59 1.98 19.32 -20.83
CA ALA B 59 0.98 18.41 -21.45
C ALA B 59 1.11 16.99 -20.89
N VAL B 60 2.36 16.62 -20.58
CA VAL B 60 2.63 15.29 -20.04
C VAL B 60 2.03 15.10 -18.65
N GLU B 61 2.15 16.13 -17.83
CA GLU B 61 1.62 16.07 -16.47
C GLU B 61 0.13 15.75 -16.49
N PHE B 62 -0.62 16.43 -17.37
CA PHE B 62 -2.05 16.19 -17.44
C PHE B 62 -2.31 14.79 -17.98
N ALA B 63 -1.70 14.47 -19.12
CA ALA B 63 -1.89 13.18 -19.77
C ALA B 63 -1.73 12.03 -18.78
N ARG B 64 -0.68 12.10 -17.96
CA ARG B 64 -0.42 11.07 -16.97
C ARG B 64 -1.47 11.07 -15.84
N ARG B 65 -1.78 12.26 -15.33
CA ARG B 65 -2.75 12.42 -14.27
C ARG B 65 -4.13 11.95 -14.72
N PHE B 66 -4.43 12.14 -16.00
CA PHE B 66 -5.71 11.70 -16.53
C PHE B 66 -5.76 10.19 -16.47
N LEU B 67 -4.73 9.53 -17.00
CA LEU B 67 -4.65 8.07 -17.02
C LEU B 67 -4.67 7.48 -15.61
N PHE B 68 -3.93 8.09 -14.69
CA PHE B 68 -3.89 7.59 -13.33
C PHE B 68 -5.23 7.71 -12.62
N LEU B 69 -5.80 8.90 -12.62
CA LEU B 69 -7.09 9.12 -11.95
C LEU B 69 -8.23 8.29 -12.54
N ASN B 70 -8.17 8.03 -13.85
CA ASN B 70 -9.20 7.25 -14.50
C ASN B 70 -8.91 5.76 -14.71
N TYR B 71 -7.65 5.39 -14.91
CA TYR B 71 -7.30 4.00 -15.15
C TYR B 71 -6.29 3.44 -14.17
N GLY B 72 -5.85 4.27 -13.23
CA GLY B 72 -4.88 3.80 -12.24
C GLY B 72 -3.59 3.32 -12.87
N VAL B 73 -3.24 3.87 -14.04
CA VAL B 73 -2.00 3.49 -14.74
C VAL B 73 -1.19 4.73 -15.10
N VAL B 74 0.09 4.52 -15.41
CA VAL B 74 0.97 5.62 -15.79
C VAL B 74 2.10 5.19 -16.73
N PHE B 75 2.60 6.13 -17.52
CA PHE B 75 3.68 5.85 -18.45
C PHE B 75 4.99 6.36 -17.82
N THR B 76 6.08 5.64 -18.08
CA THR B 76 7.37 5.99 -17.51
C THR B 76 7.75 7.46 -17.70
N ASP B 77 8.83 7.86 -17.04
CA ASP B 77 9.31 9.24 -17.10
C ASP B 77 9.87 9.53 -18.48
N VAL B 78 9.55 10.69 -19.04
CA VAL B 78 10.05 11.05 -20.36
C VAL B 78 10.48 12.51 -20.41
N GLY B 79 11.55 12.78 -21.16
CA GLY B 79 12.04 14.13 -21.30
C GLY B 79 11.04 14.96 -22.06
N MET B 80 10.86 14.65 -23.33
CA MET B 80 9.91 15.39 -24.17
C MET B 80 8.66 14.56 -24.44
N ALA B 81 7.52 15.22 -24.58
CA ALA B 81 6.26 14.55 -24.83
C ALA B 81 6.26 13.62 -26.05
N TRP B 82 6.99 13.98 -27.10
CA TRP B 82 7.01 13.14 -28.30
C TRP B 82 7.58 11.78 -28.00
N GLU B 83 8.41 11.71 -26.97
CA GLU B 83 9.05 10.45 -26.61
C GLU B 83 8.06 9.39 -26.17
N ILE B 84 6.90 9.83 -25.67
CA ILE B 84 5.87 8.89 -25.22
C ILE B 84 5.53 7.87 -26.27
N PHE B 85 5.45 8.31 -27.52
CA PHE B 85 5.11 7.45 -28.65
C PHE B 85 6.04 6.24 -28.84
N SER B 86 7.20 6.28 -28.21
CA SER B 86 8.16 5.18 -28.32
C SER B 86 8.07 4.18 -27.18
N LEU B 87 7.16 4.44 -26.23
CA LEU B 87 6.99 3.51 -25.10
C LEU B 87 6.07 2.37 -25.50
N ARG B 88 6.32 1.20 -24.94
CA ARG B 88 5.49 0.05 -25.26
C ARG B 88 4.75 -0.59 -24.07
N PHE B 89 4.55 0.17 -23.00
CA PHE B 89 3.81 -0.34 -21.84
C PHE B 89 3.52 0.71 -20.77
N LEU B 90 2.51 0.43 -19.97
CA LEU B 90 2.10 1.31 -18.89
C LEU B 90 2.17 0.51 -17.59
N ARG B 91 2.35 1.20 -16.47
CA ARG B 91 2.41 0.51 -15.17
C ARG B 91 1.14 0.73 -14.38
N GLU B 92 0.57 -0.37 -13.90
CA GLU B 92 -0.64 -0.33 -13.09
C GLU B 92 -0.20 -0.16 -11.64
N VAL B 93 -0.45 1.03 -11.08
CA VAL B 93 -0.03 1.36 -9.73
C VAL B 93 -0.35 0.37 -8.60
N VAL B 94 -1.63 0.15 -8.34
CA VAL B 94 -2.07 -0.72 -7.27
C VAL B 94 -1.46 -2.11 -7.17
N ASN B 95 -0.58 -2.47 -8.10
CA ASN B 95 0.05 -3.81 -8.03
C ASN B 95 1.38 -3.91 -8.76
N ASP B 96 1.90 -2.78 -9.22
CA ASP B 96 3.18 -2.76 -9.94
C ASP B 96 3.19 -3.70 -11.13
N ASN B 97 1.99 -4.02 -11.64
CA ASN B 97 1.86 -4.90 -12.81
C ASN B 97 2.02 -4.12 -14.11
N ILE B 98 2.81 -4.67 -15.04
CA ILE B 98 3.06 -4.02 -16.33
C ILE B 98 2.10 -4.41 -17.44
N LEU B 99 1.45 -3.42 -18.04
CA LEU B 99 0.47 -3.68 -19.10
C LEU B 99 1.06 -3.31 -20.45
N PRO B 100 0.57 -3.94 -21.53
CA PRO B 100 1.06 -3.66 -22.89
C PRO B 100 0.43 -2.43 -23.53
N LEU B 101 1.26 -1.62 -24.18
CA LEU B 101 0.78 -0.40 -24.86
C LEU B 101 1.16 -0.45 -26.32
N GLN B 102 0.18 -0.25 -27.20
CA GLN B 102 0.42 -0.29 -28.65
C GLN B 102 0.41 1.09 -29.29
N ALA B 103 1.19 1.22 -30.36
CA ALA B 103 1.28 2.50 -31.08
C ALA B 103 0.56 2.38 -32.43
N PHE B 104 0.02 3.49 -32.91
CA PHE B 104 -0.69 3.51 -34.19
C PHE B 104 -0.42 4.84 -34.90
N PRO B 105 0.00 4.77 -36.18
CA PRO B 105 0.32 5.95 -37.00
C PRO B 105 -0.92 6.72 -37.39
N ASN B 106 -0.76 8.01 -37.66
CA ASN B 106 -1.90 8.82 -38.09
C ASN B 106 -2.31 8.22 -39.42
N GLY B 107 -3.59 7.89 -39.56
CA GLY B 107 -4.04 7.28 -40.78
C GLY B 107 -3.75 5.81 -40.59
N SER B 108 -4.69 5.12 -39.95
CA SER B 108 -4.52 3.71 -39.69
C SER B 108 -5.87 3.01 -39.51
N PRO B 109 -5.91 1.68 -39.78
CA PRO B 109 -7.14 0.88 -39.64
C PRO B 109 -7.66 0.87 -38.19
N ARG B 110 -6.74 0.86 -37.22
CA ARG B 110 -7.13 0.86 -35.81
C ARG B 110 -7.68 2.23 -35.47
N ALA B 111 -8.97 2.26 -35.18
CA ALA B 111 -9.65 3.50 -34.85
C ALA B 111 -9.23 4.10 -33.51
N PRO B 112 -8.98 5.44 -33.50
CA PRO B 112 -8.58 6.18 -32.30
C PRO B 112 -9.74 6.31 -31.31
N VAL B 113 -9.82 5.36 -30.37
CA VAL B 113 -10.89 5.32 -29.38
C VAL B 113 -10.69 6.35 -28.27
N ALA B 114 -11.79 6.70 -27.61
CA ALA B 114 -11.74 7.67 -26.53
C ALA B 114 -10.90 7.11 -25.38
N GLY B 115 -10.04 7.94 -24.81
CA GLY B 115 -9.21 7.50 -23.71
C GLY B 115 -7.81 7.21 -24.19
N ALA B 116 -7.65 7.10 -25.50
CA ALA B 116 -6.35 6.80 -26.08
C ALA B 116 -5.40 8.00 -26.00
N LEU B 117 -4.11 7.72 -26.12
CA LEU B 117 -3.11 8.76 -26.07
C LEU B 117 -2.86 9.26 -27.47
N LEU B 118 -2.80 10.57 -27.65
CA LEU B 118 -2.53 11.15 -28.97
C LEU B 118 -1.18 11.89 -28.86
N ILE B 119 -0.21 11.49 -29.68
CA ILE B 119 1.10 12.11 -29.61
C ILE B 119 1.48 12.92 -30.85
N TRP B 120 2.13 14.06 -30.62
CA TRP B 120 2.60 14.95 -31.67
C TRP B 120 4.11 14.84 -31.63
N ASP B 121 4.74 15.00 -32.79
CA ASP B 121 6.19 14.92 -32.86
C ASP B 121 6.74 16.33 -32.83
N LYS B 122 7.90 16.51 -32.22
CA LYS B 122 8.52 17.82 -32.15
C LYS B 122 8.47 18.43 -33.54
N GLY B 123 8.04 19.68 -33.62
CA GLY B 123 7.96 20.35 -34.91
C GLY B 123 6.95 21.48 -35.00
N GLY B 124 7.38 22.58 -35.62
CA GLY B 124 6.53 23.73 -35.79
C GLY B 124 5.97 24.31 -34.51
N GLU B 125 4.65 24.24 -34.39
CA GLU B 125 3.96 24.76 -33.20
C GLU B 125 4.55 24.14 -31.92
N PHE B 126 5.05 22.90 -32.02
CA PHE B 126 5.66 22.19 -30.90
C PHE B 126 7.10 21.86 -31.28
N LYS B 127 7.84 22.90 -31.67
CA LYS B 127 9.23 22.79 -32.10
C LYS B 127 10.10 21.67 -31.56
N ASP B 128 10.31 21.63 -30.24
CA ASP B 128 11.18 20.61 -29.67
C ASP B 128 10.51 19.64 -28.72
N THR B 129 9.67 20.17 -27.84
CA THR B 129 8.95 19.38 -26.86
C THR B 129 8.02 18.34 -27.45
N GLY B 130 7.31 18.70 -28.51
CA GLY B 130 6.36 17.79 -29.12
C GLY B 130 5.10 17.98 -28.30
N HIS B 131 4.16 17.04 -28.37
CA HIS B 131 2.94 17.21 -27.60
C HIS B 131 2.22 15.90 -27.38
N VAL B 132 1.37 15.88 -26.35
CA VAL B 132 0.58 14.72 -25.96
C VAL B 132 -0.77 15.18 -25.45
N ALA B 133 -1.82 14.49 -25.89
CA ALA B 133 -3.18 14.83 -25.46
C ALA B 133 -4.01 13.57 -25.25
N ILE B 134 -5.28 13.76 -24.90
CA ILE B 134 -6.19 12.66 -24.66
C ILE B 134 -7.43 12.85 -25.52
N ILE B 135 -7.91 11.77 -26.11
CA ILE B 135 -9.10 11.82 -26.94
C ILE B 135 -10.29 11.52 -26.03
N THR B 136 -11.19 12.49 -25.88
CA THR B 136 -12.35 12.32 -25.02
C THR B 136 -13.52 11.66 -25.74
N GLN B 137 -13.72 11.98 -27.01
CA GLN B 137 -14.82 11.40 -27.77
C GLN B 137 -14.58 11.39 -29.28
N LEU B 138 -15.06 10.32 -29.91
CA LEU B 138 -14.92 10.11 -31.34
C LEU B 138 -16.24 10.44 -32.01
N HIS B 139 -16.20 10.69 -33.32
CA HIS B 139 -17.43 11.01 -34.07
C HIS B 139 -17.40 10.45 -35.49
N GLY B 140 -18.30 10.96 -36.32
CA GLY B 140 -18.38 10.51 -37.70
C GLY B 140 -17.32 11.13 -38.58
N ASN B 141 -16.79 12.28 -38.15
CA ASN B 141 -15.76 12.96 -38.92
C ASN B 141 -14.94 13.92 -38.07
N LYS B 142 -14.86 13.67 -36.77
CA LYS B 142 -14.09 14.52 -35.86
C LYS B 142 -13.96 13.91 -34.49
N VAL B 143 -12.82 14.17 -33.84
CA VAL B 143 -12.58 13.67 -32.49
C VAL B 143 -12.43 14.88 -31.58
N ARG B 144 -12.77 14.71 -30.31
CA ARG B 144 -12.63 15.79 -29.36
C ARG B 144 -11.52 15.40 -28.40
N ILE B 145 -10.69 16.35 -28.03
CA ILE B 145 -9.59 16.06 -27.14
C ILE B 145 -9.41 17.01 -25.97
N ALA B 146 -8.69 16.54 -24.95
CA ALA B 146 -8.40 17.33 -23.75
C ALA B 146 -6.87 17.37 -23.64
N GLU B 147 -6.33 18.54 -23.33
CA GLU B 147 -4.90 18.69 -23.25
C GLU B 147 -4.51 19.90 -22.42
N GLN B 148 -3.27 19.91 -21.95
CA GLN B 148 -2.75 21.02 -21.16
C GLN B 148 -1.52 21.61 -21.85
N ASN B 149 -1.27 22.90 -21.58
CA ASN B 149 -0.12 23.62 -22.14
C ASN B 149 -0.19 23.73 -23.67
N VAL B 150 -1.12 24.56 -24.13
CA VAL B 150 -1.34 24.81 -25.55
C VAL B 150 -2.46 25.85 -25.62
N ILE B 151 -3.36 25.77 -24.64
CA ILE B 151 -4.49 26.68 -24.49
C ILE B 151 -4.45 27.13 -23.05
N HIS B 152 -4.41 28.44 -22.81
CA HIS B 152 -4.35 28.93 -21.44
C HIS B 152 -5.51 29.80 -21.00
N SER B 153 -6.64 29.66 -21.68
CA SER B 153 -7.82 30.43 -21.31
C SER B 153 -8.89 29.51 -20.73
N PRO B 154 -9.66 30.01 -19.74
CA PRO B 154 -10.72 29.21 -19.11
C PRO B 154 -11.71 28.66 -20.11
N LEU B 155 -11.79 27.35 -20.20
CA LEU B 155 -12.71 26.70 -21.14
C LEU B 155 -14.16 27.06 -20.87
N PRO B 156 -15.06 26.80 -21.84
CA PRO B 156 -16.48 27.07 -21.70
C PRO B 156 -17.09 26.21 -20.60
N GLN B 157 -17.89 26.84 -19.75
CA GLN B 157 -18.54 26.16 -18.61
C GLN B 157 -19.11 24.77 -18.92
N GLY B 158 -18.49 23.74 -18.33
CA GLY B 158 -18.97 22.38 -18.53
C GLY B 158 -18.38 21.61 -19.69
N GLN B 159 -17.78 22.30 -20.66
CA GLN B 159 -17.16 21.64 -21.82
C GLN B 159 -15.91 20.86 -21.39
N GLN B 160 -15.94 19.55 -21.59
CA GLN B 160 -14.82 18.70 -21.20
C GLN B 160 -13.97 18.23 -22.38
N TRP B 161 -13.35 19.21 -23.03
CA TRP B 161 -12.46 18.99 -24.16
C TRP B 161 -11.96 20.36 -24.58
N THR B 162 -10.67 20.47 -24.88
CA THR B 162 -10.08 21.74 -25.29
C THR B 162 -10.10 22.04 -26.80
N ARG B 163 -9.90 21.02 -27.62
CA ARG B 163 -9.90 21.19 -29.06
C ARG B 163 -10.62 20.07 -29.80
N GLU B 164 -11.06 20.37 -31.03
CA GLU B 164 -11.70 19.37 -31.87
C GLU B 164 -10.76 19.18 -33.05
N LEU B 165 -10.75 17.99 -33.62
CA LEU B 165 -9.87 17.71 -34.75
C LEU B 165 -10.63 17.04 -35.89
N GLU B 166 -10.47 17.56 -37.10
CA GLU B 166 -11.14 16.99 -38.26
C GLU B 166 -10.60 15.62 -38.52
N MET B 167 -11.45 14.61 -38.40
CA MET B 167 -11.02 13.25 -38.67
C MET B 167 -11.43 12.97 -40.11
N VAL B 168 -10.80 11.97 -40.72
CA VAL B 168 -11.10 11.60 -42.10
C VAL B 168 -11.06 10.08 -42.21
N VAL B 169 -12.21 9.48 -42.48
CA VAL B 169 -12.26 8.03 -42.58
C VAL B 169 -12.41 7.58 -44.03
N GLU B 170 -11.38 6.90 -44.52
CA GLU B 170 -11.37 6.41 -45.89
C GLU B 170 -10.98 4.94 -45.95
N ASN B 171 -11.91 4.13 -46.46
CA ASN B 171 -11.70 2.69 -46.61
C ASN B 171 -11.02 2.05 -45.42
N GLY B 172 -11.48 2.37 -44.22
CA GLY B 172 -10.91 1.80 -43.02
C GLY B 172 -9.69 2.50 -42.45
N CYS B 173 -9.22 3.56 -43.10
CA CYS B 173 -8.06 4.29 -42.60
C CYS B 173 -8.45 5.60 -41.91
N TYR B 174 -8.26 5.65 -40.59
CA TYR B 174 -8.58 6.84 -39.82
C TYR B 174 -7.43 7.83 -39.76
N THR B 175 -7.64 9.04 -40.27
CA THR B 175 -6.60 10.07 -40.28
C THR B 175 -7.10 11.33 -39.59
N LEU B 176 -6.20 12.04 -38.92
CA LEU B 176 -6.54 13.26 -38.22
C LEU B 176 -5.73 14.43 -38.73
N LYS B 177 -6.37 15.58 -38.84
CA LYS B 177 -5.70 16.78 -39.32
C LYS B 177 -5.72 17.79 -38.18
N ASP B 178 -4.54 18.16 -37.70
CA ASP B 178 -4.43 19.11 -36.59
C ASP B 178 -4.90 20.49 -36.98
N THR B 179 -5.12 21.34 -36.00
CA THR B 179 -5.58 22.70 -36.24
C THR B 179 -4.42 23.62 -36.57
N PHE B 180 -3.22 23.04 -36.65
CA PHE B 180 -2.03 23.82 -37.00
C PHE B 180 -1.48 23.35 -38.34
N ASP B 181 -0.74 24.23 -39.01
CA ASP B 181 -0.17 23.91 -40.31
C ASP B 181 1.33 23.60 -40.28
N ASP B 182 1.88 23.44 -39.08
CA ASP B 182 3.30 23.12 -38.94
C ASP B 182 3.56 22.04 -37.89
N THR B 183 2.55 21.21 -37.63
CA THR B 183 2.70 20.16 -36.64
C THR B 183 2.47 18.78 -37.23
N THR B 184 3.17 17.79 -36.70
CA THR B 184 3.04 16.42 -37.16
C THR B 184 2.44 15.49 -36.10
N ILE B 185 1.22 15.02 -36.36
CA ILE B 185 0.55 14.12 -35.44
C ILE B 185 1.06 12.71 -35.67
N LEU B 186 1.94 12.25 -34.78
CA LEU B 186 2.50 10.91 -34.90
C LEU B 186 1.40 9.87 -35.00
N GLY B 187 0.59 9.79 -33.94
CA GLY B 187 -0.50 8.84 -33.92
C GLY B 187 -1.05 8.71 -32.52
N TRP B 188 -1.90 7.70 -32.31
CA TRP B 188 -2.53 7.47 -31.02
C TRP B 188 -2.06 6.15 -30.42
N MET B 189 -2.26 6.01 -29.11
CA MET B 189 -1.83 4.82 -28.41
C MET B 189 -2.93 4.20 -27.56
N ILE B 190 -3.08 2.88 -27.66
CA ILE B 190 -4.09 2.14 -26.92
C ILE B 190 -3.47 1.03 -26.08
N GLN B 191 -4.11 0.73 -24.94
CA GLN B 191 -3.61 -0.31 -24.04
C GLN B 191 -4.32 -1.63 -24.32
N THR B 192 -3.65 -2.51 -25.06
CA THR B 192 -4.23 -3.81 -25.44
C THR B 192 -3.18 -4.80 -25.92
N GLU B 193 -3.58 -6.06 -26.03
CA GLU B 193 -2.67 -7.10 -26.49
C GLU B 193 -2.83 -7.30 -27.99
N ASP B 194 -3.93 -6.78 -28.55
CA ASP B 194 -4.18 -6.90 -29.98
C ASP B 194 -3.16 -6.03 -30.76
N THR B 195 -2.06 -6.64 -31.17
CA THR B 195 -1.00 -5.93 -31.89
C THR B 195 -1.37 -5.56 -33.32
N GLU B 196 -2.43 -6.18 -33.84
CA GLU B 196 -2.87 -5.91 -35.21
C GLU B 196 -2.87 -4.41 -35.54
N TYR B 197 -2.36 -4.07 -36.72
CA TYR B 197 -2.30 -2.70 -37.19
C TYR B 197 -1.25 -1.82 -36.49
N SER B 198 -0.69 -2.31 -35.39
CA SER B 198 0.29 -1.52 -34.63
C SER B 198 1.69 -1.45 -35.23
N LEU B 199 2.49 -0.55 -34.66
CA LEU B 199 3.88 -0.33 -35.07
C LEU B 199 4.81 -1.09 -34.13
N PRO B 200 5.92 -1.62 -34.64
CA PRO B 200 6.88 -2.36 -33.82
C PRO B 200 7.69 -1.45 -32.88
N GLN B 201 8.34 -2.06 -31.89
CA GLN B 201 9.17 -1.34 -30.93
C GLN B 201 10.41 -0.80 -31.66
N PRO B 202 10.58 0.53 -31.67
CA PRO B 202 11.72 1.16 -32.35
C PRO B 202 13.10 0.77 -31.84
N GLU B 203 13.89 0.11 -32.68
CA GLU B 203 15.25 -0.28 -32.33
C GLU B 203 16.13 0.78 -32.99
N ILE B 204 17.23 1.15 -32.33
CA ILE B 204 18.13 2.17 -32.87
C ILE B 204 19.25 1.58 -33.73
N ALA B 205 19.78 2.41 -34.63
CA ALA B 205 20.86 2.01 -35.52
C ALA B 205 22.12 1.78 -34.68
N GLY B 206 22.63 0.55 -34.70
CA GLY B 206 23.82 0.22 -33.92
C GLY B 206 24.94 1.21 -34.07
N GLU B 207 25.09 1.77 -35.26
CA GLU B 207 26.15 2.73 -35.54
C GLU B 207 26.11 3.97 -34.67
N LEU B 208 24.91 4.38 -34.29
CA LEU B 208 24.76 5.56 -33.44
C LEU B 208 25.06 5.20 -31.99
N LEU B 209 25.26 3.91 -31.75
CA LEU B 209 25.56 3.42 -30.40
C LEU B 209 27.02 3.10 -30.15
N LYS B 210 27.87 3.22 -31.16
CA LYS B 210 29.28 2.90 -30.98
C LYS B 210 29.99 3.97 -30.16
N ILE B 211 30.99 3.54 -29.39
CA ILE B 211 31.77 4.46 -28.58
C ILE B 211 32.96 5.00 -29.40
N SER B 212 33.25 6.29 -29.26
CA SER B 212 34.33 6.92 -30.01
C SER B 212 35.36 7.57 -29.11
N GLY B 213 36.64 7.32 -29.40
CA GLY B 213 37.71 7.90 -28.60
C GLY B 213 38.22 9.21 -29.20
N ALA B 214 38.83 10.04 -28.36
CA ALA B 214 39.36 11.32 -28.81
C ALA B 214 40.44 11.84 -27.86
N ARG B 215 41.09 12.93 -28.25
CA ARG B 215 42.14 13.53 -27.41
C ARG B 215 42.10 15.05 -27.37
N LEU B 216 42.70 15.60 -26.32
CA LEU B 216 42.76 17.03 -26.15
C LEU B 216 44.13 17.46 -26.63
N GLU B 217 44.27 18.74 -26.97
CA GLU B 217 45.57 19.26 -27.42
C GLU B 217 46.41 19.42 -26.16
N ASN B 218 47.46 18.63 -26.06
CA ASN B 218 48.32 18.66 -24.90
C ASN B 218 49.02 19.99 -24.61
N LYS B 219 48.26 20.94 -24.06
CA LYS B 219 48.80 22.24 -23.70
C LYS B 219 49.22 22.12 -22.24
N GLY B 220 49.56 20.91 -21.83
CA GLY B 220 49.97 20.65 -20.45
C GLY B 220 48.92 21.09 -19.45
N GLN B 221 47.68 20.67 -19.67
CA GLN B 221 46.58 21.04 -18.78
C GLN B 221 46.51 20.23 -17.49
N PHE B 222 46.98 18.99 -17.52
CA PHE B 222 46.94 18.13 -16.33
C PHE B 222 48.33 17.72 -15.83
N ASP B 223 49.29 18.63 -15.91
CA ASP B 223 50.66 18.34 -15.48
C ASP B 223 50.92 18.41 -13.98
N GLY B 224 50.14 19.20 -13.26
CA GLY B 224 50.36 19.33 -11.84
C GLY B 224 49.13 19.20 -10.96
N LYS B 225 48.87 20.23 -10.16
CA LYS B 225 47.72 20.22 -9.29
C LYS B 225 46.53 20.85 -9.98
N TRP B 226 45.92 20.09 -10.90
CA TRP B 226 44.76 20.60 -11.63
C TRP B 226 43.49 20.45 -10.81
N LEU B 227 43.55 19.61 -9.78
CA LEU B 227 42.41 19.38 -8.91
C LEU B 227 42.49 20.34 -7.73
N ASP B 228 41.59 21.30 -7.71
CA ASP B 228 41.54 22.30 -6.66
C ASP B 228 41.54 21.63 -5.29
N GLU B 229 42.59 21.83 -4.51
CA GLU B 229 42.65 21.23 -3.18
C GLU B 229 42.04 22.14 -2.13
N LYS B 230 41.54 23.28 -2.57
CA LYS B 230 40.89 24.22 -1.66
C LYS B 230 39.55 23.59 -1.32
N ASP B 231 38.92 22.99 -2.33
CA ASP B 231 37.65 22.32 -2.19
C ASP B 231 37.90 21.07 -1.37
N PRO B 232 37.33 20.99 -0.16
CA PRO B 232 37.52 19.82 0.71
C PRO B 232 37.13 18.51 0.03
N LEU B 233 36.10 18.57 -0.79
CA LEU B 233 35.62 17.39 -1.50
C LEU B 233 36.67 16.86 -2.47
N GLN B 234 37.26 17.75 -3.24
CA GLN B 234 38.28 17.36 -4.20
C GLN B 234 39.55 16.93 -3.48
N ASN B 235 39.92 17.67 -2.44
CA ASN B 235 41.09 17.34 -1.64
C ASN B 235 40.90 15.96 -1.03
N ALA B 236 39.65 15.63 -0.73
CA ALA B 236 39.33 14.34 -0.18
C ALA B 236 39.63 13.28 -1.21
N TYR B 237 39.28 13.56 -2.45
CA TYR B 237 39.52 12.64 -3.55
C TYR B 237 41.01 12.36 -3.67
N VAL B 238 41.79 13.43 -3.71
CA VAL B 238 43.25 13.32 -3.82
C VAL B 238 43.82 12.44 -2.72
N GLN B 239 43.50 12.77 -1.47
CA GLN B 239 43.97 12.01 -0.32
C GLN B 239 43.89 10.51 -0.57
N ALA B 240 42.97 10.08 -1.42
CA ALA B 240 42.81 8.67 -1.70
C ALA B 240 43.33 8.26 -3.07
N ASN B 241 43.38 9.19 -4.01
CA ASN B 241 43.85 8.87 -5.36
C ASN B 241 44.86 9.85 -5.95
N GLY B 242 45.29 10.81 -5.14
CA GLY B 242 46.24 11.80 -5.63
C GLY B 242 45.62 12.60 -6.75
N GLN B 243 46.45 13.11 -7.66
CA GLN B 243 45.96 13.90 -8.80
C GLN B 243 45.88 13.01 -10.02
N VAL B 244 45.21 11.86 -9.90
CA VAL B 244 45.07 10.94 -11.01
C VAL B 244 43.67 10.37 -11.18
N ILE B 245 43.06 10.64 -12.34
CA ILE B 245 41.74 10.11 -12.61
C ILE B 245 41.92 8.78 -13.34
N ASN B 246 42.80 8.80 -14.34
CA ASN B 246 43.11 7.62 -15.14
C ASN B 246 44.44 7.83 -15.82
N GLN B 247 44.97 6.76 -16.37
CA GLN B 247 46.27 6.75 -17.05
C GLN B 247 46.54 8.05 -17.84
N ASP B 248 45.96 8.15 -19.04
CA ASP B 248 46.13 9.30 -19.92
C ASP B 248 44.97 10.29 -19.76
N PRO B 249 45.17 11.35 -18.96
CA PRO B 249 44.15 12.36 -18.72
C PRO B 249 43.81 13.24 -19.92
N TYR B 250 44.51 13.04 -21.03
CA TYR B 250 44.26 13.86 -22.21
C TYR B 250 43.38 13.13 -23.20
N HIS B 251 43.07 11.88 -22.87
CA HIS B 251 42.22 11.05 -23.74
C HIS B 251 40.82 10.95 -23.15
N TYR B 252 39.81 11.07 -24.01
CA TYR B 252 38.43 10.96 -23.58
C TYR B 252 37.56 10.32 -24.65
N TYR B 253 36.48 9.66 -24.23
CA TYR B 253 35.59 9.01 -25.17
C TYR B 253 34.34 9.86 -25.35
N THR B 254 33.59 9.56 -26.40
CA THR B 254 32.36 10.30 -26.67
C THR B 254 31.28 9.36 -27.17
N ILE B 255 30.04 9.82 -27.07
CA ILE B 255 28.88 9.04 -27.52
C ILE B 255 27.89 10.05 -28.10
N THR B 256 27.16 9.65 -29.14
CA THR B 256 26.20 10.56 -29.76
C THR B 256 25.05 10.90 -28.82
N GLU B 257 24.36 11.99 -29.11
CA GLU B 257 23.22 12.41 -28.29
C GLU B 257 22.12 11.37 -28.48
N SER B 258 22.13 10.73 -29.64
CA SER B 258 21.16 9.71 -29.98
C SER B 258 21.39 8.54 -29.02
N ALA B 259 22.65 8.25 -28.75
CA ALA B 259 23.02 7.15 -27.89
C ALA B 259 22.61 7.41 -26.44
N GLU B 260 22.86 8.61 -25.95
CA GLU B 260 22.50 8.94 -24.59
C GLU B 260 20.99 8.79 -24.44
N GLN B 261 20.24 9.40 -25.35
CA GLN B 261 18.79 9.32 -25.33
C GLN B 261 18.41 7.87 -25.08
N GLU B 262 19.01 6.98 -25.87
CA GLU B 262 18.78 5.56 -25.77
C GLU B 262 19.04 5.11 -24.34
N LEU B 263 20.19 5.49 -23.78
CA LEU B 263 20.55 5.13 -22.41
C LEU B 263 19.48 5.57 -21.41
N ILE B 264 19.07 6.83 -21.48
CA ILE B 264 18.07 7.36 -20.58
C ILE B 264 16.85 6.48 -20.72
N LYS B 265 16.51 6.16 -21.96
CA LYS B 265 15.35 5.33 -22.25
C LYS B 265 15.46 3.98 -21.56
N ALA B 266 16.51 3.24 -21.91
CA ALA B 266 16.74 1.92 -21.36
C ALA B 266 16.91 1.92 -19.82
N THR B 267 17.25 3.09 -19.25
CA THR B 267 17.44 3.18 -17.80
C THR B 267 16.09 3.27 -17.10
N ASN B 268 15.22 4.17 -17.55
CA ASN B 268 13.91 4.33 -16.94
C ASN B 268 13.10 3.07 -17.10
N GLU B 269 13.23 2.41 -18.23
CA GLU B 269 12.48 1.17 -18.52
C GLU B 269 12.91 -0.01 -17.69
N LEU B 270 14.22 -0.22 -17.62
CA LEU B 270 14.72 -1.33 -16.81
C LEU B 270 14.47 -1.10 -15.33
N HIS B 271 14.32 0.15 -14.92
CA HIS B 271 14.07 0.41 -13.52
C HIS B 271 12.72 -0.20 -13.18
N LEU B 272 11.71 0.11 -13.99
CA LEU B 272 10.37 -0.43 -13.76
C LEU B 272 10.40 -1.94 -13.76
N MET B 273 10.95 -2.50 -14.82
CA MET B 273 11.07 -3.94 -14.95
C MET B 273 11.62 -4.53 -13.67
N TYR B 274 12.73 -3.97 -13.19
CA TYR B 274 13.34 -4.47 -11.95
C TYR B 274 12.39 -4.45 -10.76
N LEU B 275 11.66 -3.34 -10.58
CA LEU B 275 10.73 -3.26 -9.47
C LEU B 275 9.57 -4.19 -9.68
N HIS B 276 9.10 -4.30 -10.92
CA HIS B 276 7.97 -5.18 -11.27
C HIS B 276 8.30 -6.61 -10.90
N ALA B 277 9.60 -6.93 -10.97
CA ALA B 277 10.06 -8.27 -10.63
C ALA B 277 10.30 -8.37 -9.13
N THR B 278 10.76 -7.28 -8.52
CA THR B 278 11.01 -7.27 -7.09
C THR B 278 9.67 -7.56 -6.39
N ASP B 279 8.63 -6.87 -6.85
CA ASP B 279 7.29 -7.02 -6.30
C ASP B 279 6.75 -8.43 -6.49
N LYS B 280 7.19 -9.10 -7.55
CA LYS B 280 6.72 -10.45 -7.83
C LYS B 280 7.38 -11.44 -6.89
N VAL B 281 8.65 -11.22 -6.63
CA VAL B 281 9.42 -12.08 -5.75
C VAL B 281 8.89 -12.02 -4.32
N LEU B 282 8.48 -10.83 -3.90
CA LEU B 282 7.98 -10.68 -2.54
C LEU B 282 6.56 -11.19 -2.38
N LYS B 283 5.98 -11.65 -3.47
CA LYS B 283 4.61 -12.17 -3.46
C LYS B 283 4.59 -13.69 -3.56
N ASP B 284 5.77 -14.31 -3.60
CA ASP B 284 5.87 -15.76 -3.69
C ASP B 284 7.12 -16.28 -3.01
N ASP B 285 6.91 -17.07 -1.96
CA ASP B 285 8.03 -17.63 -1.20
C ASP B 285 8.96 -18.56 -1.99
N ASN B 286 8.48 -19.08 -3.12
CA ASN B 286 9.30 -19.97 -3.96
C ASN B 286 10.41 -19.23 -4.65
N LEU B 287 10.18 -17.95 -4.95
CA LEU B 287 11.18 -17.13 -5.61
C LEU B 287 12.11 -16.48 -4.59
N LEU B 288 11.53 -15.80 -3.62
CA LEU B 288 12.34 -15.15 -2.58
C LEU B 288 13.34 -16.14 -2.02
N ALA B 289 12.90 -17.38 -1.89
CA ALA B 289 13.72 -18.45 -1.35
C ALA B 289 15.02 -18.64 -2.10
N LEU B 290 15.12 -18.08 -3.29
CA LEU B 290 16.32 -18.23 -4.12
C LEU B 290 17.45 -17.27 -3.80
N PHE B 291 17.14 -16.14 -3.17
CA PHE B 291 18.16 -15.14 -2.85
C PHE B 291 19.01 -15.44 -1.61
N ASP B 292 18.80 -16.61 -1.02
CA ASP B 292 19.58 -16.98 0.16
C ASP B 292 19.63 -15.87 1.20
N ILE B 293 18.47 -15.33 1.55
CA ILE B 293 18.40 -14.28 2.55
C ILE B 293 17.80 -14.86 3.81
N PRO B 294 18.44 -14.65 4.98
CA PRO B 294 17.96 -15.17 6.26
C PRO B 294 16.44 -15.09 6.40
N LYS B 295 15.82 -16.27 6.37
CA LYS B 295 14.37 -16.39 6.47
C LYS B 295 13.73 -15.50 7.53
N ILE B 296 14.48 -15.17 8.58
CA ILE B 296 13.97 -14.32 9.65
C ILE B 296 13.65 -12.89 9.17
N LEU B 297 14.24 -12.50 8.04
CA LEU B 297 14.04 -11.15 7.48
C LEU B 297 12.92 -11.01 6.46
N TRP B 298 12.43 -12.13 5.93
CA TRP B 298 11.40 -12.08 4.90
C TRP B 298 10.24 -11.16 5.23
N PRO B 299 9.71 -11.25 6.46
CA PRO B 299 8.59 -10.36 6.79
C PRO B 299 9.02 -8.90 6.68
N ARG B 300 10.24 -8.62 7.15
CA ARG B 300 10.82 -7.28 7.13
C ARG B 300 10.93 -6.78 5.71
N LEU B 301 11.44 -7.64 4.82
CA LEU B 301 11.57 -7.26 3.42
C LEU B 301 10.22 -6.79 2.87
N ARG B 302 9.20 -7.63 3.07
CA ARG B 302 7.85 -7.31 2.58
C ARG B 302 7.31 -6.01 3.12
N LEU B 303 7.57 -5.71 4.38
CA LEU B 303 7.08 -4.48 4.96
C LEU B 303 7.81 -3.29 4.36
N SER B 304 9.11 -3.45 4.15
CA SER B 304 9.92 -2.38 3.59
C SER B 304 9.45 -2.06 2.16
N TRP B 305 9.12 -3.10 1.41
CA TRP B 305 8.66 -2.95 0.04
C TRP B 305 7.36 -2.19 -0.02
N GLN B 306 6.46 -2.49 0.90
CA GLN B 306 5.15 -1.84 0.94
C GLN B 306 5.14 -0.37 1.40
N ARG B 307 5.79 -0.10 2.52
CA ARG B 307 5.81 1.24 3.06
C ARG B 307 6.88 2.17 2.48
N ARG B 308 7.97 1.60 1.97
CA ARG B 308 9.05 2.41 1.42
C ARG B 308 9.27 2.18 -0.07
N ARG B 309 8.17 1.99 -0.79
CA ARG B 309 8.17 1.74 -2.20
C ARG B 309 8.85 2.80 -3.05
N HIS B 310 8.71 4.07 -2.65
CA HIS B 310 9.30 5.19 -3.41
C HIS B 310 10.48 5.87 -2.76
N HIS B 311 11.01 5.28 -1.70
CA HIS B 311 12.12 5.87 -0.96
C HIS B 311 13.54 5.59 -1.47
N MET B 312 13.69 4.88 -2.59
CA MET B 312 15.04 4.60 -3.09
C MET B 312 15.67 5.89 -3.59
N ILE B 313 16.86 6.18 -3.11
CA ILE B 313 17.57 7.40 -3.47
C ILE B 313 18.31 7.29 -4.80
N THR B 314 19.17 6.27 -4.92
CA THR B 314 19.94 6.11 -6.16
C THR B 314 20.52 4.72 -6.38
N GLY B 315 20.89 4.44 -7.63
CA GLY B 315 21.47 3.17 -8.00
C GLY B 315 22.25 3.31 -9.29
N ARG B 316 23.10 2.34 -9.58
CA ARG B 316 23.92 2.36 -10.80
C ARG B 316 23.65 1.13 -11.68
N MET B 317 23.53 1.35 -12.98
CA MET B 317 23.29 0.26 -13.92
C MET B 317 24.48 -0.01 -14.84
N ASP B 318 25.02 -1.23 -14.80
CA ASP B 318 26.14 -1.61 -15.66
C ASP B 318 25.62 -2.11 -17.00
N PHE B 319 26.10 -1.52 -18.07
CA PHE B 319 25.67 -1.88 -19.41
C PHE B 319 26.83 -2.27 -20.33
N CYS B 320 26.44 -2.72 -21.53
CA CYS B 320 27.37 -3.08 -22.58
C CYS B 320 26.72 -2.43 -23.78
N MET B 321 27.42 -1.50 -24.41
CA MET B 321 26.85 -0.80 -25.54
C MET B 321 27.78 -0.67 -26.74
N ASP B 322 27.20 -0.82 -27.94
CA ASP B 322 27.95 -0.72 -29.19
C ASP B 322 27.07 -1.14 -30.36
N GLU B 323 27.68 -1.28 -31.53
CA GLU B 323 26.98 -1.69 -32.75
C GLU B 323 26.03 -2.85 -32.50
N ARG B 324 26.41 -3.75 -31.58
CA ARG B 324 25.61 -4.93 -31.26
C ARG B 324 24.30 -4.58 -30.59
N GLY B 325 24.20 -3.37 -30.04
CA GLY B 325 22.99 -2.96 -29.34
C GLY B 325 23.29 -2.71 -27.88
N LEU B 326 22.25 -2.55 -27.07
CA LEU B 326 22.42 -2.28 -25.64
C LEU B 326 21.92 -3.38 -24.72
N LYS B 327 22.81 -3.91 -23.89
CA LYS B 327 22.46 -4.97 -22.94
C LYS B 327 22.87 -4.54 -21.54
N VAL B 328 22.18 -5.07 -20.53
CA VAL B 328 22.49 -4.74 -19.13
C VAL B 328 23.07 -5.92 -18.34
N TYR B 329 24.17 -5.70 -17.65
CA TYR B 329 24.81 -6.75 -16.86
C TYR B 329 24.16 -6.91 -15.51
N GLU B 330 24.16 -5.84 -14.72
CA GLU B 330 23.56 -5.88 -13.37
C GLU B 330 22.99 -4.53 -13.01
N TYR B 331 22.28 -4.48 -11.88
CA TYR B 331 21.70 -3.23 -11.39
C TYR B 331 22.04 -3.05 -9.91
N ASN B 332 23.07 -2.26 -9.64
CA ASN B 332 23.50 -1.99 -8.31
C ASN B 332 22.53 -1.04 -7.64
N ALA B 333 21.44 -1.59 -7.09
CA ALA B 333 20.42 -0.78 -6.43
C ALA B 333 20.72 -0.57 -4.95
N ASP B 334 21.56 -1.43 -4.35
CA ASP B 334 21.90 -1.31 -2.95
C ASP B 334 23.00 -0.28 -2.70
N SER B 335 24.24 -0.66 -2.99
CA SER B 335 25.39 0.21 -2.78
C SER B 335 26.10 0.50 -4.09
N ALA B 336 26.31 1.78 -4.37
CA ALA B 336 26.98 2.20 -5.60
C ALA B 336 27.90 3.39 -5.38
N SER B 337 29.14 3.25 -5.84
CA SER B 337 30.13 4.33 -5.72
C SER B 337 30.22 5.02 -7.09
N CYS B 338 31.39 5.61 -7.39
CA CYS B 338 31.59 6.31 -8.66
C CYS B 338 30.72 7.54 -8.82
N HIS B 339 30.04 7.94 -7.73
CA HIS B 339 29.18 9.11 -7.76
C HIS B 339 30.01 10.40 -7.87
N THR B 340 31.08 10.48 -7.08
CA THR B 340 31.95 11.64 -7.11
C THR B 340 32.68 11.73 -8.45
N GLU B 341 33.18 10.59 -8.92
CA GLU B 341 33.91 10.50 -10.18
C GLU B 341 33.17 11.23 -11.30
N ALA B 342 32.15 10.58 -11.85
CA ALA B 342 31.37 11.16 -12.92
C ALA B 342 30.70 12.47 -12.48
N GLY B 343 30.61 12.65 -11.17
CA GLY B 343 29.98 13.84 -10.62
C GLY B 343 30.84 15.08 -10.53
N LEU B 344 31.88 15.06 -9.72
CA LEU B 344 32.73 16.23 -9.54
C LEU B 344 34.06 16.24 -10.30
N ILE B 345 34.89 15.22 -10.11
CA ILE B 345 36.18 15.14 -10.77
C ILE B 345 36.09 15.39 -12.27
N LEU B 346 35.21 14.67 -12.95
CA LEU B 346 35.06 14.84 -14.39
C LEU B 346 34.67 16.26 -14.73
N GLU B 347 33.76 16.84 -13.96
CA GLU B 347 33.35 18.22 -14.20
C GLU B 347 34.62 19.08 -14.18
N ARG B 348 35.43 18.85 -13.16
CA ARG B 348 36.70 19.58 -13.00
C ARG B 348 37.59 19.29 -14.19
N TRP B 349 37.64 18.02 -14.59
CA TRP B 349 38.41 17.59 -15.73
C TRP B 349 38.02 18.41 -16.96
N ALA B 350 36.74 18.41 -17.29
CA ALA B 350 36.23 19.14 -18.43
C ALA B 350 36.52 20.62 -18.27
N GLU B 351 36.21 21.15 -17.11
CA GLU B 351 36.42 22.56 -16.81
C GLU B 351 37.88 22.94 -16.99
N GLN B 352 38.76 21.94 -16.86
CA GLN B 352 40.19 22.18 -16.96
C GLN B 352 40.74 22.00 -18.36
N GLY B 353 40.29 20.96 -19.06
CA GLY B 353 40.82 20.72 -20.38
C GLY B 353 39.92 20.57 -21.58
N TYR B 354 38.60 20.49 -21.39
CA TYR B 354 37.72 20.35 -22.55
C TYR B 354 37.21 21.69 -23.06
N LYS B 355 37.60 22.04 -24.28
CA LYS B 355 37.19 23.30 -24.90
C LYS B 355 36.16 23.08 -25.99
N GLY B 356 35.37 22.01 -25.88
CA GLY B 356 34.39 21.71 -26.91
C GLY B 356 32.97 22.14 -26.64
N ASN B 357 32.03 21.57 -27.37
CA ASN B 357 30.62 21.90 -27.20
C ASN B 357 29.90 20.79 -26.43
N GLY B 358 30.49 19.60 -26.42
CA GLY B 358 29.90 18.47 -25.72
C GLY B 358 29.62 18.78 -24.25
N PHE B 359 29.21 17.77 -23.50
CA PHE B 359 28.91 17.93 -22.09
C PHE B 359 29.05 16.62 -21.33
N ASN B 360 29.40 16.72 -20.06
CA ASN B 360 29.56 15.55 -19.20
C ASN B 360 28.19 15.10 -18.72
N PRO B 361 27.76 13.90 -19.13
CA PRO B 361 26.46 13.32 -18.78
C PRO B 361 26.15 13.20 -17.29
N ALA B 362 27.12 13.46 -16.43
CA ALA B 362 26.90 13.38 -15.00
C ALA B 362 27.10 14.74 -14.36
N GLU B 363 26.89 15.79 -15.13
CA GLU B 363 27.07 17.17 -14.67
C GLU B 363 25.87 17.74 -13.94
N GLY B 364 25.22 16.92 -13.13
CA GLY B 364 24.06 17.39 -12.39
C GLY B 364 23.55 16.34 -11.41
N LEU B 365 24.46 15.44 -11.04
CA LEU B 365 24.16 14.36 -10.14
C LEU B 365 23.93 14.90 -8.74
N ILE B 366 24.78 15.82 -8.32
CA ILE B 366 24.64 16.40 -7.00
C ILE B 366 23.26 17.05 -6.83
N ASN B 367 22.84 17.81 -7.84
CA ASN B 367 21.55 18.48 -7.80
C ASN B 367 20.43 17.46 -7.85
N GLU B 368 20.62 16.43 -8.67
CA GLU B 368 19.62 15.38 -8.81
C GLU B 368 19.40 14.70 -7.47
N LEU B 369 20.47 14.55 -6.70
CA LEU B 369 20.38 13.89 -5.39
C LEU B 369 19.61 14.73 -4.40
N ALA B 370 19.97 16.01 -4.32
CA ALA B 370 19.30 16.92 -3.40
C ALA B 370 17.79 16.84 -3.60
N GLY B 371 17.39 16.70 -4.85
CA GLY B 371 15.97 16.62 -5.15
C GLY B 371 15.40 15.36 -4.56
N ALA B 372 16.13 14.28 -4.71
CA ALA B 372 15.71 13.00 -4.20
C ALA B 372 15.51 13.13 -2.70
N TRP B 373 16.54 13.58 -1.99
CA TRP B 373 16.47 13.74 -0.54
C TRP B 373 15.33 14.64 -0.06
N LYS B 374 15.07 15.71 -0.78
CA LYS B 374 13.99 16.61 -0.38
C LYS B 374 12.66 15.87 -0.36
N HIS B 375 12.38 15.13 -1.42
CA HIS B 375 11.13 14.40 -1.53
C HIS B 375 11.14 13.05 -0.83
N SER B 376 12.21 12.75 -0.11
CA SER B 376 12.28 11.48 0.64
C SER B 376 11.70 11.80 2.01
N ARG B 377 11.34 10.77 2.77
CA ARG B 377 10.78 11.03 4.08
C ARG B 377 11.85 10.93 5.16
N ALA B 378 13.09 11.16 4.77
CA ALA B 378 14.20 11.09 5.72
C ALA B 378 13.96 12.11 6.83
N ARG B 379 14.55 11.86 7.98
CA ARG B 379 14.39 12.76 9.13
C ARG B 379 15.36 13.95 9.12
N PRO B 380 15.01 15.03 9.85
CA PRO B 380 15.81 16.25 9.94
C PRO B 380 17.31 16.03 10.08
N PHE B 381 17.70 15.11 10.94
CA PHE B 381 19.12 14.81 11.15
C PHE B 381 19.45 13.42 10.63
N VAL B 382 20.45 13.34 9.76
CA VAL B 382 20.83 12.06 9.18
C VAL B 382 22.26 11.70 9.46
N HIS B 383 22.48 10.63 10.21
CA HIS B 383 23.84 10.20 10.50
C HIS B 383 24.32 9.45 9.28
N ILE B 384 25.53 9.75 8.81
CA ILE B 384 26.08 9.09 7.63
C ILE B 384 27.06 8.00 8.05
N MET B 385 26.74 6.75 7.72
CA MET B 385 27.58 5.62 8.08
C MET B 385 28.46 5.15 6.95
N GLN B 386 29.77 5.21 7.17
CA GLN B 386 30.74 4.79 6.17
C GLN B 386 31.73 3.87 6.88
N ASP B 387 32.62 3.28 6.10
CA ASP B 387 33.63 2.39 6.68
C ASP B 387 34.79 3.28 7.11
N LYS B 388 35.94 2.67 7.45
CA LYS B 388 37.11 3.45 7.83
C LYS B 388 38.13 3.53 6.71
N ASP B 389 37.67 3.34 5.47
CA ASP B 389 38.52 3.41 4.29
C ASP B 389 38.57 4.84 3.82
N ILE B 390 39.76 5.40 3.67
CA ILE B 390 39.90 6.76 3.19
C ILE B 390 39.35 6.88 1.78
N GLU B 391 39.15 5.73 1.14
CA GLU B 391 38.63 5.67 -0.21
C GLU B 391 37.14 5.99 -0.25
N GLU B 392 36.47 5.84 0.89
CA GLU B 392 35.05 6.11 0.97
C GLU B 392 34.73 7.46 1.60
N ASN B 393 35.78 8.18 1.97
CA ASN B 393 35.61 9.49 2.58
C ASN B 393 34.94 10.49 1.66
N TYR B 394 35.33 10.50 0.39
CA TYR B 394 34.77 11.44 -0.57
C TYR B 394 33.40 11.03 -1.05
N HIS B 395 33.15 9.73 -1.14
CA HIS B 395 31.85 9.26 -1.59
C HIS B 395 30.85 9.70 -0.54
N ALA B 396 31.25 9.56 0.74
CA ALA B 396 30.41 9.93 1.85
C ALA B 396 30.19 11.44 1.92
N GLN B 397 31.26 12.20 1.74
CA GLN B 397 31.17 13.66 1.77
C GLN B 397 30.46 14.23 0.57
N PHE B 398 30.48 13.47 -0.52
CA PHE B 398 29.82 13.88 -1.75
C PHE B 398 28.31 13.86 -1.52
N MET B 399 27.86 12.84 -0.78
CA MET B 399 26.44 12.65 -0.46
C MET B 399 25.98 13.62 0.61
N GLU B 400 26.84 13.84 1.62
CA GLU B 400 26.52 14.76 2.69
C GLU B 400 26.23 16.14 2.09
N GLN B 401 26.95 16.45 1.02
CA GLN B 401 26.79 17.72 0.35
C GLN B 401 25.37 17.75 -0.24
N ALA B 402 25.00 16.71 -0.96
CA ALA B 402 23.67 16.62 -1.54
C ALA B 402 22.64 16.74 -0.43
N LEU B 403 22.88 16.03 0.67
CA LEU B 403 21.97 16.06 1.83
C LEU B 403 21.84 17.46 2.39
N HIS B 404 22.97 18.15 2.52
CA HIS B 404 22.96 19.51 3.03
C HIS B 404 22.20 20.43 2.08
N GLN B 405 22.35 20.20 0.78
CA GLN B 405 21.67 21.02 -0.21
C GLN B 405 20.19 20.83 -0.06
N ALA B 406 19.81 19.60 0.33
CA ALA B 406 18.40 19.27 0.52
C ALA B 406 17.91 19.92 1.81
N GLY B 407 18.85 20.39 2.62
CA GLY B 407 18.49 21.04 3.87
C GLY B 407 18.71 20.22 5.13
N PHE B 408 18.85 18.90 4.99
CA PHE B 408 19.04 18.05 6.16
C PHE B 408 20.36 18.35 6.87
N GLU B 409 20.47 17.84 8.10
CA GLU B 409 21.66 18.01 8.93
C GLU B 409 22.35 16.66 8.95
N THR B 410 23.68 16.66 8.97
CA THR B 410 24.40 15.41 8.97
C THR B 410 25.62 15.40 9.87
N ARG B 411 26.12 14.20 10.12
CA ARG B 411 27.32 13.99 10.92
C ARG B 411 27.87 12.68 10.37
N ILE B 412 29.07 12.73 9.81
CA ILE B 412 29.66 11.54 9.22
C ILE B 412 30.27 10.58 10.25
N LEU B 413 29.76 9.36 10.26
CA LEU B 413 30.26 8.34 11.18
C LEU B 413 31.27 7.43 10.49
N ARG B 414 32.48 7.44 10.99
CA ARG B 414 33.55 6.62 10.45
C ARG B 414 33.69 5.39 11.34
N GLY B 415 33.35 4.22 10.81
CA GLY B 415 33.44 3.01 11.59
C GLY B 415 32.26 2.92 12.55
N LEU B 416 32.41 2.18 13.66
CA LEU B 416 31.32 2.03 14.62
C LEU B 416 31.73 2.34 16.06
N ASP B 417 32.98 2.71 16.25
CA ASP B 417 33.48 3.01 17.60
C ASP B 417 32.74 4.17 18.28
N GLU B 418 32.10 5.03 17.49
CA GLU B 418 31.41 6.16 18.06
C GLU B 418 30.04 5.80 18.64
N LEU B 419 29.45 4.69 18.18
CA LEU B 419 28.13 4.29 18.64
C LEU B 419 28.11 3.59 20.00
N GLY B 420 26.94 3.66 20.65
CA GLY B 420 26.73 3.06 21.95
C GLY B 420 25.27 3.12 22.37
N TRP B 421 24.93 2.41 23.44
CA TRP B 421 23.56 2.38 23.93
C TRP B 421 23.43 3.08 25.28
N ASP B 422 22.27 3.68 25.53
CA ASP B 422 22.00 4.34 26.80
C ASP B 422 21.64 3.21 27.77
N ALA B 423 21.22 3.56 28.99
CA ALA B 423 20.86 2.54 29.98
C ALA B 423 19.79 1.60 29.45
N ALA B 424 18.72 2.18 28.90
CA ALA B 424 17.59 1.42 28.35
C ALA B 424 18.03 0.51 27.20
N GLY B 425 18.73 1.09 26.24
CA GLY B 425 19.19 0.31 25.10
C GLY B 425 19.07 1.08 23.80
N GLN B 426 18.88 2.39 23.90
CA GLN B 426 18.75 3.26 22.74
C GLN B 426 20.07 3.48 22.00
N LEU B 427 20.01 3.42 20.67
CA LEU B 427 21.20 3.61 19.85
C LEU B 427 21.50 5.10 19.70
N ILE B 428 22.61 5.51 20.33
CA ILE B 428 23.04 6.90 20.29
C ILE B 428 24.47 7.00 19.75
N ASP B 429 24.82 8.16 19.20
CA ASP B 429 26.17 8.34 18.68
C ASP B 429 27.13 8.81 19.77
N GLY B 430 28.32 9.24 19.35
CA GLY B 430 29.32 9.69 20.30
C GLY B 430 28.90 10.92 21.06
N GLU B 431 28.46 11.95 20.33
CA GLU B 431 28.03 13.20 20.95
C GLU B 431 26.81 13.02 21.85
N GLY B 432 26.38 11.79 22.01
CA GLY B 432 25.23 11.50 22.86
C GLY B 432 23.89 11.73 22.17
N ARG B 433 23.91 11.84 20.85
CA ARG B 433 22.68 12.05 20.09
C ARG B 433 22.06 10.71 19.70
N LEU B 434 20.75 10.73 19.45
CA LEU B 434 20.03 9.52 19.04
C LEU B 434 20.14 9.32 17.54
N VAL B 435 20.50 8.10 17.16
CA VAL B 435 20.62 7.76 15.75
C VAL B 435 19.36 7.04 15.32
N ASN B 436 18.58 7.65 14.43
CA ASN B 436 17.34 7.04 13.96
C ASN B 436 17.14 7.16 12.45
N CYS B 437 18.10 7.78 11.77
CA CYS B 437 18.04 7.92 10.32
C CYS B 437 19.46 7.93 9.77
N VAL B 438 19.83 6.90 9.03
CA VAL B 438 21.18 6.86 8.49
C VAL B 438 21.27 6.54 7.01
N TRP B 439 22.34 7.03 6.39
CA TRP B 439 22.62 6.74 5.00
C TRP B 439 23.94 5.96 5.06
N LYS B 440 23.91 4.73 4.62
CA LYS B 440 25.07 3.87 4.67
C LYS B 440 25.81 3.71 3.35
N THR B 441 27.08 3.35 3.45
CA THR B 441 27.91 3.08 2.29
C THR B 441 28.11 1.58 2.40
N TRP B 442 27.72 1.04 3.55
CA TRP B 442 27.84 -0.38 3.83
C TRP B 442 26.85 -1.12 2.98
N ALA B 443 27.26 -2.29 2.48
CA ALA B 443 26.36 -3.08 1.65
C ALA B 443 25.45 -3.81 2.61
N TRP B 444 24.18 -3.93 2.24
CA TRP B 444 23.21 -4.63 3.08
C TRP B 444 23.64 -6.08 3.37
N GLU B 445 24.38 -6.67 2.44
CA GLU B 445 24.82 -8.04 2.57
C GLU B 445 25.71 -8.24 3.80
N THR B 446 26.51 -7.22 4.13
CA THR B 446 27.43 -7.31 5.26
C THR B 446 26.65 -7.47 6.57
N ALA B 447 25.51 -6.81 6.67
CA ALA B 447 24.68 -6.90 7.85
C ALA B 447 24.05 -8.28 7.86
N PHE B 448 23.61 -8.75 6.69
CA PHE B 448 22.99 -10.04 6.55
C PHE B 448 23.90 -11.15 7.01
N ASP B 449 25.20 -10.90 6.97
CA ASP B 449 26.18 -11.91 7.38
C ASP B 449 26.33 -12.01 8.90
N GLN B 450 26.20 -10.90 9.61
CA GLN B 450 26.32 -10.93 11.06
C GLN B 450 25.18 -11.77 11.63
N ILE B 451 24.21 -12.11 10.78
CA ILE B 451 23.07 -12.93 11.18
C ILE B 451 23.41 -14.40 10.98
N ARG B 452 23.97 -14.70 9.82
CA ARG B 452 24.35 -16.06 9.46
C ARG B 452 25.51 -16.62 10.27
N GLU B 453 26.18 -15.76 11.04
CA GLU B 453 27.29 -16.19 11.89
C GLU B 453 26.73 -17.09 12.98
N VAL B 454 25.61 -16.65 13.56
CA VAL B 454 24.94 -17.40 14.61
C VAL B 454 23.65 -18.02 14.04
N SER B 455 23.77 -18.63 12.85
CA SER B 455 22.64 -19.25 12.17
C SER B 455 22.10 -20.51 12.86
N ASP B 456 22.95 -21.17 13.64
CA ASP B 456 22.53 -22.41 14.32
C ASP B 456 21.71 -22.20 15.60
N ARG B 457 21.32 -20.95 15.89
CA ARG B 457 20.52 -20.65 17.06
C ARG B 457 19.08 -20.43 16.63
N GLU B 458 18.15 -20.76 17.51
CA GLU B 458 16.73 -20.57 17.22
C GLU B 458 16.25 -19.22 17.77
N PHE B 459 16.42 -18.18 16.97
CA PHE B 459 16.01 -16.85 17.36
C PHE B 459 14.63 -16.50 16.81
N ALA B 460 13.82 -15.87 17.66
CA ALA B 460 12.47 -15.48 17.29
C ALA B 460 12.47 -14.19 16.47
N ALA B 461 13.62 -13.53 16.40
CA ALA B 461 13.76 -12.29 15.64
C ALA B 461 15.22 -12.04 15.28
N VAL B 462 15.45 -11.06 14.42
CA VAL B 462 16.80 -10.73 14.01
C VAL B 462 17.61 -10.42 15.25
N PRO B 463 18.69 -11.22 15.48
CA PRO B 463 19.61 -11.12 16.62
C PRO B 463 20.43 -9.84 16.73
N ILE B 464 19.82 -8.76 17.18
CA ILE B 464 20.53 -7.50 17.33
C ILE B 464 20.75 -7.20 18.81
N ARG B 465 21.77 -6.41 19.11
CA ARG B 465 22.04 -6.07 20.49
C ARG B 465 21.44 -4.72 20.85
N THR B 466 20.79 -4.66 22.01
CA THR B 466 20.19 -3.43 22.49
C THR B 466 20.96 -3.02 23.73
N GLY B 467 22.09 -3.69 23.92
CA GLY B 467 22.96 -3.44 25.05
C GLY B 467 24.13 -4.41 25.03
N HIS B 468 25.25 -3.98 25.63
CA HIS B 468 26.45 -4.81 25.65
C HIS B 468 27.47 -4.21 26.60
N PRO B 469 28.14 -5.06 27.41
CA PRO B 469 29.13 -4.57 28.36
C PRO B 469 30.11 -3.53 27.80
N GLN B 470 30.94 -3.95 26.85
CA GLN B 470 31.93 -3.07 26.24
C GLN B 470 31.28 -1.97 25.41
N ASN B 471 29.95 -2.01 25.31
CA ASN B 471 29.22 -1.01 24.53
C ASN B 471 29.68 -1.14 23.07
N GLU B 472 29.79 -2.37 22.60
CA GLU B 472 30.21 -2.62 21.23
C GLU B 472 29.05 -2.73 20.25
N VAL B 473 28.74 -1.65 19.54
CA VAL B 473 27.67 -1.65 18.56
C VAL B 473 28.16 -2.33 17.28
N ARG B 474 27.25 -2.99 16.56
CA ARG B 474 27.60 -3.64 15.31
C ARG B 474 26.75 -3.08 14.19
N LEU B 475 27.22 -3.25 12.95
CA LEU B 475 26.48 -2.76 11.79
C LEU B 475 25.02 -3.17 11.86
N ILE B 476 24.79 -4.45 12.13
CA ILE B 476 23.46 -5.03 12.21
C ILE B 476 22.63 -4.45 13.35
N ASP B 477 23.31 -4.12 14.45
CA ASP B 477 22.65 -3.56 15.63
C ASP B 477 22.15 -2.15 15.35
N VAL B 478 22.25 -1.71 14.10
CA VAL B 478 21.81 -0.38 13.72
C VAL B 478 20.81 -0.45 12.56
N LEU B 479 21.28 -0.92 11.41
CA LEU B 479 20.45 -1.01 10.22
C LEU B 479 19.16 -1.78 10.46
N LEU B 480 19.20 -2.74 11.38
CA LEU B 480 18.03 -3.55 11.69
C LEU B 480 17.32 -3.19 12.99
N ARG B 481 17.64 -2.02 13.53
CA ARG B 481 17.00 -1.54 14.74
C ARG B 481 15.71 -0.87 14.24
N PRO B 482 14.58 -1.56 14.37
CA PRO B 482 13.24 -1.14 13.96
C PRO B 482 12.92 0.35 13.82
N GLU B 483 13.23 1.15 14.83
CA GLU B 483 12.89 2.57 14.77
C GLU B 483 13.89 3.45 14.04
N VAL B 484 14.87 2.83 13.38
CA VAL B 484 15.89 3.59 12.64
C VAL B 484 15.54 3.56 11.16
N LEU B 485 15.42 4.74 10.56
CA LEU B 485 15.07 4.84 9.14
C LEU B 485 16.34 4.77 8.31
N VAL B 486 16.40 3.81 7.40
CA VAL B 486 17.61 3.63 6.59
C VAL B 486 17.48 3.82 5.05
N PHE B 487 18.53 4.41 4.47
CA PHE B 487 18.63 4.61 3.04
C PHE B 487 19.96 3.96 2.64
N GLU B 488 19.95 3.06 1.67
CA GLU B 488 18.75 2.69 0.91
C GLU B 488 17.85 1.73 1.67
N PRO B 489 16.55 1.72 1.34
CA PRO B 489 15.58 0.84 1.98
C PRO B 489 16.03 -0.62 1.88
N LEU B 490 15.60 -1.44 2.81
CA LEU B 490 15.96 -2.85 2.82
C LEU B 490 15.62 -3.58 1.52
N TRP B 491 14.44 -3.34 0.98
CA TRP B 491 14.01 -4.03 -0.25
C TRP B 491 14.96 -3.89 -1.43
N THR B 492 15.83 -2.89 -1.40
CA THR B 492 16.76 -2.71 -2.49
C THR B 492 17.65 -3.93 -2.67
N VAL B 493 17.83 -4.71 -1.61
CA VAL B 493 18.69 -5.88 -1.69
C VAL B 493 18.16 -6.89 -2.70
N ILE B 494 16.85 -6.88 -2.94
CA ILE B 494 16.27 -7.82 -3.88
C ILE B 494 16.71 -7.52 -5.31
N PRO B 495 16.46 -6.31 -5.82
CA PRO B 495 16.88 -6.02 -7.19
C PRO B 495 18.42 -5.89 -7.29
N GLY B 496 19.08 -5.81 -6.13
CA GLY B 496 20.53 -5.71 -6.10
C GLY B 496 21.17 -7.09 -6.20
N ASN B 497 20.44 -8.10 -5.75
CA ASN B 497 20.91 -9.48 -5.81
C ASN B 497 20.70 -9.95 -7.25
N LYS B 498 21.71 -10.61 -7.81
CA LYS B 498 21.64 -11.08 -9.18
C LYS B 498 20.71 -12.26 -9.37
N ALA B 499 20.19 -12.77 -8.27
CA ALA B 499 19.27 -13.89 -8.36
C ALA B 499 17.98 -13.46 -9.06
N ILE B 500 17.84 -12.17 -9.29
CA ILE B 500 16.64 -11.62 -9.93
C ILE B 500 16.71 -11.66 -11.46
N LEU B 501 17.94 -11.75 -11.99
CA LEU B 501 18.13 -11.80 -13.44
C LEU B 501 17.35 -12.94 -14.09
N PRO B 502 17.51 -14.17 -13.58
CA PRO B 502 16.79 -15.29 -14.18
C PRO B 502 15.29 -15.03 -14.27
N ILE B 503 14.77 -14.35 -13.26
CA ILE B 503 13.35 -14.02 -13.17
C ILE B 503 12.97 -12.96 -14.20
N LEU B 504 13.83 -11.95 -14.36
CA LEU B 504 13.57 -10.89 -15.33
C LEU B 504 13.47 -11.49 -16.74
N TRP B 505 14.32 -12.47 -17.01
CA TRP B 505 14.32 -13.13 -18.30
C TRP B 505 13.06 -13.96 -18.38
N SER B 506 12.70 -14.55 -17.24
CA SER B 506 11.51 -15.38 -17.16
C SER B 506 10.25 -14.55 -17.39
N LEU B 507 10.29 -13.28 -16.99
CA LEU B 507 9.16 -12.39 -17.13
C LEU B 507 9.15 -11.61 -18.44
N PHE B 508 10.33 -11.14 -18.85
CA PHE B 508 10.46 -10.37 -20.08
C PHE B 508 11.36 -11.13 -21.04
N PRO B 509 11.02 -12.40 -21.35
CA PRO B 509 11.82 -13.22 -22.27
C PRO B 509 12.17 -12.54 -23.59
N HIS B 510 13.43 -12.58 -23.95
CA HIS B 510 13.91 -11.98 -25.18
C HIS B 510 13.80 -10.46 -25.26
N HIS B 511 13.70 -9.81 -24.10
CA HIS B 511 13.63 -8.35 -24.07
C HIS B 511 14.93 -7.85 -24.70
N ARG B 512 14.86 -6.72 -25.40
CA ARG B 512 16.04 -6.18 -26.09
C ARG B 512 17.21 -5.77 -25.19
N TYR B 513 16.94 -5.43 -23.93
CA TYR B 513 18.01 -5.04 -23.03
C TYR B 513 18.43 -6.18 -22.10
N LEU B 514 17.86 -7.36 -22.30
CA LEU B 514 18.19 -8.47 -21.42
C LEU B 514 19.11 -9.56 -22.01
N LEU B 515 19.77 -10.30 -21.11
CA LEU B 515 20.64 -11.39 -21.50
C LEU B 515 20.10 -12.66 -20.83
N ASP B 516 19.91 -13.72 -21.60
CA ASP B 516 19.39 -14.96 -21.04
C ASP B 516 20.22 -15.34 -19.81
N THR B 517 19.57 -15.39 -18.65
CA THR B 517 20.25 -15.74 -17.40
C THR B 517 19.55 -16.90 -16.71
N ASP B 518 20.33 -17.79 -16.12
CA ASP B 518 19.77 -18.96 -15.43
C ASP B 518 20.69 -19.41 -14.31
N PHE B 519 20.15 -20.18 -13.37
CA PHE B 519 20.94 -20.67 -12.24
C PHE B 519 21.80 -21.88 -12.62
N THR B 520 21.46 -22.51 -13.73
CA THR B 520 22.19 -23.68 -14.20
C THR B 520 22.57 -23.45 -15.64
N VAL B 521 23.83 -23.68 -15.98
CA VAL B 521 24.27 -23.50 -17.35
C VAL B 521 23.36 -24.32 -18.23
N ASN B 522 22.26 -23.71 -18.67
CA ASN B 522 21.32 -24.42 -19.52
C ASN B 522 21.94 -24.73 -20.87
N ASP B 523 21.09 -25.00 -21.85
CA ASP B 523 21.57 -25.36 -23.19
C ASP B 523 22.02 -24.19 -24.07
N GLU B 524 21.15 -23.21 -24.23
CA GLU B 524 21.47 -22.04 -25.07
C GLU B 524 22.67 -21.25 -24.56
N LEU B 525 22.83 -21.16 -23.24
CA LEU B 525 23.97 -20.45 -22.67
C LEU B 525 25.22 -21.12 -23.17
N VAL B 526 25.18 -22.45 -23.22
CA VAL B 526 26.30 -23.25 -23.69
C VAL B 526 26.74 -22.85 -25.09
N LYS B 527 25.80 -22.82 -26.02
CA LYS B 527 26.10 -22.48 -27.40
C LYS B 527 26.48 -21.01 -27.60
N THR B 528 26.40 -20.21 -26.55
CA THR B 528 26.73 -18.79 -26.67
C THR B 528 27.86 -18.40 -25.74
N GLY B 529 28.12 -19.26 -24.75
CA GLY B 529 29.15 -18.94 -23.79
C GLY B 529 28.41 -18.28 -22.62
N TYR B 530 29.10 -17.97 -21.54
CA TYR B 530 28.43 -17.35 -20.41
C TYR B 530 29.36 -16.86 -19.30
N ALA B 531 28.78 -16.09 -18.38
CA ALA B 531 29.54 -15.57 -17.25
C ALA B 531 28.95 -16.13 -15.97
N VAL B 532 29.83 -16.64 -15.12
CA VAL B 532 29.40 -17.19 -13.84
C VAL B 532 29.59 -16.04 -12.84
N LYS B 533 28.52 -15.70 -12.11
CA LYS B 533 28.61 -14.61 -11.16
C LYS B 533 27.88 -14.87 -9.86
N PRO B 534 28.55 -14.61 -8.72
CA PRO B 534 27.93 -14.83 -7.42
C PRO B 534 26.76 -13.84 -7.27
N ILE B 535 25.62 -14.34 -6.78
CA ILE B 535 24.44 -13.51 -6.63
C ILE B 535 24.63 -12.30 -5.73
N ALA B 536 25.42 -12.46 -4.69
CA ALA B 536 25.66 -11.35 -3.78
C ALA B 536 27.03 -10.69 -3.92
N GLY B 537 27.62 -10.85 -5.09
CA GLY B 537 28.93 -10.27 -5.32
C GLY B 537 28.92 -8.82 -5.76
N ARG B 538 30.10 -8.32 -6.14
CA ARG B 538 30.30 -6.95 -6.60
C ARG B 538 31.78 -6.68 -6.84
N CYS B 539 32.08 -5.57 -7.50
CA CYS B 539 33.45 -5.21 -7.82
C CYS B 539 34.07 -6.23 -8.77
N GLY B 540 33.21 -7.02 -9.41
CA GLY B 540 33.66 -8.02 -10.34
C GLY B 540 34.38 -9.21 -9.73
N SER B 541 34.20 -9.43 -8.42
CA SER B 541 34.86 -10.54 -7.75
C SER B 541 34.27 -11.88 -8.15
N ASN B 542 35.13 -12.89 -8.23
CA ASN B 542 34.72 -14.23 -8.58
C ASN B 542 33.92 -14.33 -9.86
N ILE B 543 34.32 -13.57 -10.87
CA ILE B 543 33.65 -13.60 -12.16
C ILE B 543 34.39 -14.59 -13.06
N ASP B 544 33.64 -15.46 -13.74
CA ASP B 544 34.23 -16.46 -14.61
C ASP B 544 33.57 -16.45 -15.98
N LEU B 545 34.31 -16.03 -16.99
CA LEU B 545 33.80 -15.95 -18.35
C LEU B 545 34.19 -17.15 -19.18
N VAL B 546 33.21 -17.88 -19.68
CA VAL B 546 33.45 -19.07 -20.49
C VAL B 546 32.78 -18.91 -21.86
N SER B 547 33.56 -18.93 -22.92
CA SER B 547 33.02 -18.79 -24.28
C SER B 547 32.34 -20.08 -24.72
N HIS B 548 31.76 -20.08 -25.91
CA HIS B 548 31.09 -21.27 -26.43
C HIS B 548 32.09 -22.36 -26.77
N HIS B 549 33.36 -21.98 -26.86
CA HIS B 549 34.44 -22.94 -27.15
C HIS B 549 34.94 -23.49 -25.83
N GLU B 550 34.09 -23.38 -24.81
CA GLU B 550 34.39 -23.85 -23.47
C GLU B 550 35.79 -23.46 -22.98
N GLU B 551 36.17 -22.20 -23.25
CA GLU B 551 37.46 -21.71 -22.82
C GLU B 551 37.29 -20.55 -21.85
N VAL B 552 37.96 -20.63 -20.71
CA VAL B 552 37.87 -19.59 -19.69
C VAL B 552 38.57 -18.31 -20.16
N LEU B 553 37.80 -17.41 -20.75
CA LEU B 553 38.33 -16.14 -21.26
C LEU B 553 38.97 -15.30 -20.15
N ASP B 554 38.54 -15.52 -18.93
CA ASP B 554 39.09 -14.78 -17.79
C ASP B 554 38.48 -15.29 -16.49
N LYS B 555 39.13 -15.00 -15.38
CA LYS B 555 38.68 -15.43 -14.07
C LYS B 555 39.30 -14.54 -13.01
N THR B 556 38.44 -13.96 -12.17
CA THR B 556 38.91 -13.07 -11.11
C THR B 556 38.64 -13.70 -9.74
N SER B 557 39.55 -13.46 -8.80
CA SER B 557 39.41 -13.98 -7.45
C SER B 557 38.29 -13.24 -6.72
N GLY B 558 38.19 -13.46 -5.42
CA GLY B 558 37.15 -12.81 -4.64
C GLY B 558 36.75 -13.62 -3.43
N LYS B 559 36.02 -13.00 -2.51
CA LYS B 559 35.59 -13.69 -1.30
C LYS B 559 34.23 -14.40 -1.45
N PHE B 560 33.42 -13.94 -2.40
CA PHE B 560 32.10 -14.50 -2.64
C PHE B 560 32.16 -15.85 -3.35
N ALA B 561 33.35 -16.41 -3.48
CA ALA B 561 33.56 -17.67 -4.15
C ALA B 561 32.72 -18.81 -3.60
N GLU B 562 32.06 -18.59 -2.47
CA GLU B 562 31.25 -19.65 -1.86
C GLU B 562 29.74 -19.44 -1.86
N GLN B 563 29.26 -18.50 -2.69
CA GLN B 563 27.82 -18.23 -2.77
C GLN B 563 27.15 -18.96 -3.93
N LYS B 564 25.88 -18.70 -4.14
CA LYS B 564 25.16 -19.29 -5.25
C LYS B 564 25.58 -18.48 -6.47
N ASN B 565 25.48 -19.08 -7.65
CA ASN B 565 25.86 -18.36 -8.87
C ASN B 565 24.70 -18.33 -9.84
N ILE B 566 24.83 -17.47 -10.85
CA ILE B 566 23.84 -17.34 -11.89
C ILE B 566 24.67 -17.33 -13.17
N TYR B 567 24.08 -17.80 -14.27
CA TYR B 567 24.80 -17.84 -15.53
C TYR B 567 24.14 -16.91 -16.53
N GLN B 568 24.92 -15.99 -17.06
CA GLN B 568 24.37 -15.04 -18.00
C GLN B 568 25.06 -15.13 -19.36
N GLN B 569 24.24 -15.23 -20.40
CA GLN B 569 24.73 -15.31 -21.77
C GLN B 569 25.91 -14.36 -21.91
N LEU B 570 26.98 -14.82 -22.56
CA LEU B 570 28.15 -13.98 -22.73
C LEU B 570 27.85 -12.79 -23.64
N TRP B 571 28.51 -11.66 -23.37
CA TRP B 571 28.32 -10.45 -24.16
C TRP B 571 29.44 -9.48 -23.85
N CYS B 572 30.67 -9.93 -24.15
CA CYS B 572 31.91 -9.19 -23.91
C CYS B 572 31.84 -7.69 -24.10
N LEU B 573 32.51 -6.96 -23.21
CA LEU B 573 32.55 -5.50 -23.30
C LEU B 573 33.29 -5.10 -24.57
N PRO B 574 32.92 -3.95 -25.15
CA PRO B 574 33.59 -3.49 -26.37
C PRO B 574 34.94 -2.87 -26.03
N LYS B 575 35.88 -2.91 -26.97
CA LYS B 575 37.19 -2.34 -26.73
C LYS B 575 37.43 -1.13 -27.63
N VAL B 576 37.68 0.02 -27.03
CA VAL B 576 37.91 1.25 -27.77
C VAL B 576 39.18 1.93 -27.30
N ASP B 577 40.08 2.20 -28.23
CA ASP B 577 41.35 2.83 -27.93
C ASP B 577 42.11 2.12 -26.83
N GLY B 578 42.39 0.84 -27.06
CA GLY B 578 43.17 0.04 -26.12
C GLY B 578 42.60 -0.28 -24.75
N LYS B 579 41.28 -0.20 -24.59
CA LYS B 579 40.66 -0.51 -23.31
C LYS B 579 39.19 -0.95 -23.48
N TYR B 580 38.72 -1.78 -22.56
CA TYR B 580 37.33 -2.23 -22.59
C TYR B 580 36.47 -1.20 -21.88
N ILE B 581 35.47 -0.70 -22.59
CA ILE B 581 34.60 0.32 -22.06
C ILE B 581 33.17 -0.11 -21.73
N GLN B 582 32.84 -0.06 -20.44
CA GLN B 582 31.51 -0.39 -19.97
C GLN B 582 30.82 0.91 -19.68
N VAL B 583 29.52 0.97 -19.97
CA VAL B 583 28.76 2.19 -19.72
C VAL B 583 27.98 2.03 -18.43
N CYS B 584 27.90 3.11 -17.65
CA CYS B 584 27.18 3.12 -16.37
C CYS B 584 26.25 4.29 -16.31
N THR B 585 24.98 4.03 -16.09
CA THR B 585 23.97 5.09 -15.96
C THR B 585 23.55 5.12 -14.51
N PHE B 586 23.10 6.27 -14.05
CA PHE B 586 22.68 6.41 -12.67
C PHE B 586 21.19 6.54 -12.59
N THR B 587 20.62 6.14 -11.46
CA THR B 587 19.19 6.26 -11.25
C THR B 587 19.02 6.99 -9.94
N VAL B 588 18.46 8.19 -10.00
CA VAL B 588 18.22 8.98 -8.80
C VAL B 588 16.71 9.10 -8.63
N GLY B 589 16.17 8.47 -7.60
CA GLY B 589 14.74 8.52 -7.38
C GLY B 589 13.95 7.79 -8.45
N GLY B 590 14.56 6.78 -9.06
CA GLY B 590 13.88 5.99 -10.07
C GLY B 590 14.07 6.43 -11.51
N ASN B 591 14.65 7.61 -11.73
CA ASN B 591 14.82 8.08 -13.09
C ASN B 591 16.27 8.32 -13.45
N TYR B 592 16.57 8.29 -14.75
CA TYR B 592 17.92 8.50 -15.25
C TYR B 592 18.57 9.66 -14.53
N GLY B 593 19.82 9.49 -14.14
CA GLY B 593 20.51 10.56 -13.42
C GLY B 593 21.84 10.95 -14.04
N GLY B 594 22.32 10.17 -15.00
CA GLY B 594 23.59 10.48 -15.62
C GLY B 594 24.29 9.26 -16.19
N THR B 595 25.47 9.46 -16.75
CA THR B 595 26.25 8.40 -17.37
C THR B 595 27.74 8.56 -17.10
N CYS B 596 28.47 7.45 -17.14
CA CYS B 596 29.91 7.46 -16.94
C CYS B 596 30.49 6.18 -17.51
N LEU B 597 31.77 6.21 -17.87
CA LEU B 597 32.45 5.04 -18.43
C LEU B 597 33.40 4.43 -17.44
N ARG B 598 33.64 3.13 -17.59
CA ARG B 598 34.56 2.40 -16.73
C ARG B 598 35.39 1.51 -17.63
N GLY B 599 36.59 1.97 -17.93
CA GLY B 599 37.50 1.21 -18.79
C GLY B 599 38.41 0.28 -18.02
N ASP B 600 38.86 -0.77 -18.69
CA ASP B 600 39.75 -1.73 -18.07
C ASP B 600 40.45 -2.60 -19.13
N GLU B 601 41.65 -3.05 -18.81
CA GLU B 601 42.44 -3.89 -19.71
C GLU B 601 41.74 -5.20 -19.96
N SER B 602 41.09 -5.72 -18.93
CA SER B 602 40.38 -7.00 -19.03
C SER B 602 38.90 -6.83 -19.31
N LEU B 603 38.26 -7.92 -19.73
CA LEU B 603 36.85 -7.92 -20.04
C LEU B 603 36.01 -7.63 -18.80
N VAL B 604 36.57 -7.91 -17.64
CA VAL B 604 35.88 -7.71 -16.39
C VAL B 604 36.23 -6.43 -15.68
N ILE B 605 35.23 -5.59 -15.41
CA ILE B 605 35.46 -4.36 -14.70
C ILE B 605 35.59 -4.75 -13.23
N LYS B 606 36.68 -4.33 -12.60
CA LYS B 606 36.91 -4.64 -11.19
C LYS B 606 36.87 -3.36 -10.37
N LYS B 607 37.28 -3.45 -9.11
CA LYS B 607 37.26 -2.27 -8.25
C LYS B 607 38.30 -1.22 -8.67
N GLU B 608 39.46 -1.69 -9.11
CA GLU B 608 40.54 -0.80 -9.51
C GLU B 608 40.49 -0.31 -10.94
N SER B 609 39.36 -0.48 -11.62
CA SER B 609 39.24 0.00 -13.00
C SER B 609 39.34 1.52 -12.95
N ASP B 610 39.55 2.15 -14.09
CA ASP B 610 39.66 3.59 -14.13
C ASP B 610 38.40 4.24 -14.65
N ILE B 611 38.26 5.53 -14.37
CA ILE B 611 37.13 6.28 -14.85
C ILE B 611 37.61 6.94 -16.12
N GLU B 612 36.88 6.76 -17.21
CA GLU B 612 37.27 7.35 -18.48
C GLU B 612 36.38 8.55 -18.82
N PRO B 613 36.97 9.75 -18.96
CA PRO B 613 36.19 10.93 -19.29
C PRO B 613 35.24 10.67 -20.47
N LEU B 614 34.03 11.18 -20.38
CA LEU B 614 33.04 10.97 -21.43
C LEU B 614 32.35 12.29 -21.80
N ILE B 615 32.23 12.53 -23.10
CA ILE B 615 31.60 13.73 -23.58
C ILE B 615 30.55 13.42 -24.64
N VAL B 616 29.30 13.79 -24.35
CA VAL B 616 28.22 13.56 -25.31
C VAL B 616 28.22 14.69 -26.33
N VAL B 617 28.27 14.32 -27.61
CA VAL B 617 28.30 15.30 -28.69
C VAL B 617 27.06 15.22 -29.58
N LYS B 618 26.71 16.37 -30.17
CA LYS B 618 25.53 16.45 -31.03
C LYS B 618 25.95 16.51 -32.52
#